data_8SWU
#
_entry.id   8SWU
#
_cell.length_a   72.433
_cell.length_b   91.824
_cell.length_c   78.409
_cell.angle_alpha   90.00
_cell.angle_beta   112.70
_cell.angle_gamma   90.00
#
_symmetry.space_group_name_H-M   'P 1 21 1'
#
loop_
_entity.id
_entity.type
_entity.pdbx_description
1 polymer 'Purine nucleoside phosphorylase'
2 non-polymer 1,4-DIDEOXY-4-AZA-1-(S)-(9-DEAZAHYPOXANTHIN-9-YL)-D-RIBITOL
3 non-polymer 'SULFATE ION'
4 water water
#
_entity_poly.entity_id   1
_entity_poly.type   'polypeptide(L)'
_entity_poly.pdbx_seq_one_letter_code
;SMDLSNKIKAAAEYIKGKSKYNPTIGLILGSGLGAIADQIEDAEYFPYNEIPNFPVSTVEGHAGRLVIGKFQGKEVVAMQ
GRFHYYEGYSMQEVTCPVRVMRLLGVETLVVTNAAGAVNKDYTPGDLMIISDHLNLSGSNPLIGKNLNEFGTRFPDMSNA
YDKDLRAQVKDIAKNLGIEVREGVYAMFSGPTYETPAEVRMARILGADAVGMSTVPEVIIANHSGMKVIGVSCMTNMAAG
ILEQPLNHEEVMETSAKVRKTFIELMTNIIKEI
;
_entity_poly.pdbx_strand_id   A,B,C
#
loop_
_chem_comp.id
_chem_comp.type
_chem_comp.name
_chem_comp.formula
IMH non-polymer 1,4-DIDEOXY-4-AZA-1-(S)-(9-DEAZAHYPOXANTHIN-9-YL)-D-RIBITOL 'C11 H14 N4 O4'
SO4 non-polymer 'SULFATE ION' 'O4 S -2'
#
# COMPACT_ATOMS: atom_id res chain seq x y z
N SER A 1 21.66 3.10 1.44
CA SER A 1 22.70 2.25 2.07
C SER A 1 24.09 2.58 1.52
N MET A 2 25.14 2.15 2.20
CA MET A 2 26.54 2.36 1.71
C MET A 2 26.77 1.47 0.49
N ASP A 3 26.21 0.26 0.50
CA ASP A 3 26.33 -0.66 -0.66
C ASP A 3 25.68 -0.02 -1.89
N LEU A 4 24.46 0.50 -1.73
CA LEU A 4 23.78 1.20 -2.84
C LEU A 4 24.64 2.40 -3.28
N SER A 5 25.10 3.21 -2.33
CA SER A 5 25.90 4.41 -2.68
C SER A 5 27.13 4.01 -3.47
N ASN A 6 27.80 2.95 -3.03
CA ASN A 6 29.04 2.48 -3.70
C ASN A 6 28.64 2.03 -5.10
N LYS A 7 27.55 1.30 -5.21
CA LYS A 7 27.19 0.77 -6.52
C LYS A 7 26.67 1.86 -7.46
N ILE A 8 26.09 2.93 -6.91
CA ILE A 8 25.68 4.05 -7.74
C ILE A 8 26.90 4.78 -8.29
N LYS A 9 27.85 5.10 -7.41
CA LYS A 9 29.04 5.81 -7.87
C LYS A 9 29.87 4.94 -8.81
N ALA A 10 29.89 3.61 -8.60
CA ALA A 10 30.62 2.73 -9.50
C ALA A 10 30.01 2.72 -10.90
N ALA A 11 28.69 2.91 -10.99
CA ALA A 11 28.05 2.97 -12.30
C ALA A 11 28.35 4.30 -12.99
N ALA A 12 28.35 5.40 -12.22
CA ALA A 12 28.60 6.70 -12.81
C ALA A 12 30.06 6.84 -13.23
N GLU A 13 30.99 6.37 -12.40
CA GLU A 13 32.41 6.43 -12.76
C GLU A 13 32.72 5.61 -13.99
N TYR A 14 32.00 4.51 -14.20
CA TYR A 14 32.15 3.74 -15.44
C TYR A 14 31.73 4.57 -16.65
N ILE A 15 30.57 5.21 -16.56
CA ILE A 15 30.07 6.03 -17.67
C ILE A 15 30.99 7.23 -17.91
N LYS A 16 31.39 7.91 -16.83
CA LYS A 16 32.21 9.11 -16.97
C LYS A 16 33.56 8.78 -17.59
N GLY A 17 34.14 7.63 -17.25
CA GLY A 17 35.43 7.26 -17.79
C GLY A 17 35.42 6.96 -19.28
N LYS A 18 34.25 6.71 -19.85
CA LYS A 18 34.13 6.39 -21.26
C LYS A 18 33.34 7.44 -22.04
N SER A 19 32.98 8.55 -21.40
CA SER A 19 32.13 9.55 -22.02
C SER A 19 32.87 10.87 -22.17
N LYS A 20 32.52 11.59 -23.24
CA LYS A 20 33.09 12.90 -23.56
C LYS A 20 32.23 14.05 -23.04
N TYR A 21 31.01 13.78 -22.62
CA TYR A 21 30.02 14.82 -22.34
C TYR A 21 29.87 15.06 -20.85
N ASN A 22 29.26 16.20 -20.52
CA ASN A 22 28.88 16.57 -19.15
C ASN A 22 27.44 17.04 -19.21
N PRO A 23 26.48 16.11 -19.21
CA PRO A 23 25.09 16.50 -19.46
C PRO A 23 24.44 17.15 -18.25
N THR A 24 23.60 18.15 -18.52
CA THR A 24 22.82 18.83 -17.49
C THR A 24 21.35 18.48 -17.54
N ILE A 25 20.84 17.99 -18.67
CA ILE A 25 19.45 17.62 -18.83
C ILE A 25 19.35 16.10 -18.90
N GLY A 26 18.38 15.54 -18.17
CA GLY A 26 18.13 14.11 -18.19
C GLY A 26 16.76 13.83 -18.77
N LEU A 27 16.62 12.66 -19.39
CA LEU A 27 15.37 12.23 -20.01
C LEU A 27 15.08 10.80 -19.63
N ILE A 28 13.83 10.53 -19.27
CA ILE A 28 13.37 9.18 -18.96
C ILE A 28 12.21 8.87 -19.90
N LEU A 29 12.45 7.96 -20.84
CA LEU A 29 11.44 7.68 -21.88
C LEU A 29 10.76 6.33 -21.68
N GLY A 30 9.44 6.33 -21.72
CA GLY A 30 8.65 5.11 -21.47
C GLY A 30 8.19 4.37 -22.70
N SER A 31 9.08 3.68 -23.41
CA SER A 31 8.74 2.78 -24.55
C SER A 31 8.33 3.53 -25.82
N GLY A 32 7.05 3.56 -26.12
CA GLY A 32 6.61 4.20 -27.37
C GLY A 32 6.98 5.66 -27.40
N LEU A 33 7.88 6.07 -26.50
CA LEU A 33 8.22 7.51 -26.42
C LEU A 33 9.74 7.67 -26.50
N GLY A 34 10.47 6.58 -26.73
CA GLY A 34 11.93 6.65 -26.72
C GLY A 34 12.54 7.07 -28.03
N ALA A 35 11.73 7.44 -29.01
CA ALA A 35 12.26 7.75 -30.36
C ALA A 35 12.96 9.11 -30.39
N ILE A 36 12.72 9.94 -29.38
CA ILE A 36 13.43 11.22 -29.36
C ILE A 36 14.90 11.01 -29.02
N ALA A 37 15.23 9.94 -28.32
CA ALA A 37 16.64 9.62 -28.06
C ALA A 37 17.40 9.32 -29.33
N ASP A 38 16.70 8.89 -30.38
CA ASP A 38 17.32 8.65 -31.69
C ASP A 38 17.72 9.94 -32.39
N GLN A 39 17.33 11.11 -31.86
CA GLN A 39 17.65 12.39 -32.47
C GLN A 39 18.68 13.16 -31.66
N ILE A 40 19.42 12.48 -30.80
CA ILE A 40 20.55 13.06 -30.08
C ILE A 40 21.80 12.96 -30.96
N GLU A 41 22.55 14.05 -31.06
CA GLU A 41 23.60 14.18 -32.05
C GLU A 41 24.94 13.67 -31.51
N ASP A 42 25.64 12.92 -32.36
CA ASP A 42 26.94 12.33 -32.02
C ASP A 42 26.87 11.60 -30.68
N ALA A 43 25.86 10.73 -30.56
CA ALA A 43 25.51 10.15 -29.29
C ALA A 43 26.46 9.02 -28.89
N GLU A 44 26.63 8.86 -27.58
CA GLU A 44 27.26 7.68 -27.00
C GLU A 44 26.17 6.74 -26.51
N TYR A 45 26.49 5.45 -26.46
CA TYR A 45 25.52 4.42 -26.12
C TYR A 45 26.08 3.50 -25.06
N PHE A 46 25.30 3.27 -24.01
CA PHE A 46 25.69 2.41 -22.89
C PHE A 46 24.52 1.49 -22.58
N PRO A 47 24.52 0.28 -23.14
CA PRO A 47 23.48 -0.69 -22.77
C PRO A 47 23.50 -1.01 -21.29
N TYR A 48 22.31 -1.25 -20.73
CA TYR A 48 22.18 -1.41 -19.29
C TYR A 48 22.95 -2.63 -18.79
N ASN A 49 23.00 -3.70 -19.58
CA ASN A 49 23.70 -4.91 -19.17
C ASN A 49 25.22 -4.76 -19.19
N GLU A 50 25.75 -3.64 -19.67
CA GLU A 50 27.19 -3.37 -19.61
C GLU A 50 27.56 -2.38 -18.52
N ILE A 51 26.59 -1.71 -17.91
CA ILE A 51 26.86 -0.74 -16.85
C ILE A 51 26.87 -1.49 -15.53
N PRO A 52 27.94 -1.38 -14.73
CA PRO A 52 28.02 -2.15 -13.48
C PRO A 52 26.91 -1.77 -12.53
N ASN A 53 26.30 -2.78 -11.91
CA ASN A 53 25.27 -2.69 -10.88
C ASN A 53 23.93 -2.18 -11.41
N PHE A 54 23.81 -1.91 -12.69
CA PHE A 54 22.49 -1.61 -13.24
C PHE A 54 21.62 -2.86 -13.15
N PRO A 55 20.33 -2.71 -12.83
CA PRO A 55 19.46 -3.87 -12.69
C PRO A 55 19.41 -4.70 -13.97
N VAL A 56 19.39 -6.01 -13.80
CA VAL A 56 19.30 -6.94 -14.92
C VAL A 56 17.87 -6.97 -15.43
N SER A 57 17.72 -6.97 -16.75
CA SER A 57 16.40 -7.02 -17.39
C SER A 57 15.95 -8.46 -17.58
N THR A 58 14.64 -8.63 -17.79
CA THR A 58 14.04 -9.93 -18.03
C THR A 58 13.67 -10.09 -19.50
N ALA A 63 17.14 -4.28 -25.29
CA ALA A 63 17.99 -4.15 -24.11
C ALA A 63 18.33 -2.70 -23.86
N GLY A 64 17.60 -2.06 -22.93
CA GLY A 64 17.68 -0.62 -22.69
C GLY A 64 19.07 -0.06 -22.61
N ARG A 65 19.22 1.22 -22.93
CA ARG A 65 20.53 1.82 -23.01
C ARG A 65 20.45 3.30 -22.64
N LEU A 66 21.55 3.81 -22.08
CA LEU A 66 21.72 5.24 -21.91
C LEU A 66 22.19 5.85 -23.23
N VAL A 67 21.61 6.99 -23.59
CA VAL A 67 21.99 7.73 -24.78
C VAL A 67 22.45 9.11 -24.34
N ILE A 68 23.70 9.45 -24.65
CA ILE A 68 24.33 10.68 -24.17
C ILE A 68 24.90 11.43 -25.35
N GLY A 69 24.59 12.72 -25.46
CA GLY A 69 25.12 13.52 -26.54
C GLY A 69 24.49 14.91 -26.56
N LYS A 70 24.62 15.57 -27.70
CA LYS A 70 24.13 16.93 -27.88
C LYS A 70 22.69 16.93 -28.36
N PHE A 71 21.93 17.94 -27.94
CA PHE A 71 20.54 18.08 -28.35
C PHE A 71 20.09 19.51 -28.10
N GLN A 72 19.88 20.27 -29.16
CA GLN A 72 19.35 21.64 -29.08
C GLN A 72 20.22 22.52 -28.19
N GLY A 73 21.52 22.51 -28.45
CA GLY A 73 22.46 23.31 -27.69
C GLY A 73 22.83 22.75 -26.33
N LYS A 74 22.09 21.78 -25.82
CA LYS A 74 22.35 21.17 -24.52
C LYS A 74 23.10 19.87 -24.68
N GLU A 75 23.62 19.37 -23.57
CA GLU A 75 24.17 18.02 -23.48
C GLU A 75 23.25 17.22 -22.57
N VAL A 76 22.77 16.08 -23.08
CA VAL A 76 21.71 15.35 -22.42
C VAL A 76 22.10 13.88 -22.28
N VAL A 77 21.47 13.21 -21.32
CA VAL A 77 21.50 11.76 -21.18
C VAL A 77 20.06 11.28 -21.09
N ALA A 78 19.67 10.37 -21.97
CA ALA A 78 18.31 9.88 -22.07
C ALA A 78 18.26 8.41 -21.68
N MET A 79 17.38 8.08 -20.74
CA MET A 79 17.09 6.69 -20.42
C MET A 79 16.17 6.14 -21.51
N GLN A 80 16.74 5.39 -22.44
CA GLN A 80 15.93 4.71 -23.46
C GLN A 80 15.43 3.41 -22.84
N GLY A 81 14.25 3.48 -22.23
CA GLY A 81 13.73 2.36 -21.47
C GLY A 81 13.89 2.58 -19.98
N ARG A 82 12.82 2.39 -19.21
CA ARG A 82 12.85 2.58 -17.78
C ARG A 82 12.49 1.30 -17.07
N PHE A 83 12.94 1.17 -15.83
CA PHE A 83 12.63 0.01 -15.00
C PHE A 83 11.36 0.28 -14.20
N HIS A 84 10.49 -0.72 -14.12
CA HIS A 84 9.19 -0.59 -13.48
C HIS A 84 9.12 -1.42 -12.20
N TYR A 85 8.34 -0.93 -11.24
CA TYR A 85 8.14 -1.64 -9.98
C TYR A 85 7.34 -2.92 -10.17
N TYR A 86 6.52 -3.01 -11.22
CA TYR A 86 5.71 -4.21 -11.42
C TYR A 86 6.52 -5.40 -11.93
N GLU A 87 7.75 -5.18 -12.40
CA GLU A 87 8.56 -6.28 -12.89
C GLU A 87 9.30 -7.03 -11.79
N GLY A 88 9.24 -6.55 -10.55
CA GLY A 88 9.89 -7.20 -9.43
C GLY A 88 11.02 -6.42 -8.80
N TYR A 89 11.55 -5.39 -9.45
CA TYR A 89 12.61 -4.59 -8.86
C TYR A 89 12.14 -3.88 -7.60
N SER A 90 13.03 -3.74 -6.63
CA SER A 90 12.75 -2.89 -5.49
C SER A 90 12.68 -1.43 -5.92
N MET A 91 12.07 -0.61 -5.07
CA MET A 91 11.93 0.81 -5.39
C MET A 91 13.30 1.47 -5.56
N GLN A 92 14.29 1.04 -4.76
CA GLN A 92 15.63 1.60 -4.90
C GLN A 92 16.31 1.14 -6.19
N GLU A 93 16.02 -0.09 -6.64
CA GLU A 93 16.54 -0.55 -7.93
C GLU A 93 15.89 0.21 -9.08
N VAL A 94 14.59 0.53 -8.95
CA VAL A 94 13.88 1.25 -10.01
C VAL A 94 14.48 2.63 -10.22
N THR A 95 14.87 3.28 -9.14
CA THR A 95 15.26 4.69 -9.18
C THR A 95 16.77 4.91 -9.13
N CYS A 96 17.57 3.87 -8.91
CA CYS A 96 19.01 4.06 -8.83
C CYS A 96 19.63 4.65 -10.09
N PRO A 97 19.09 4.47 -11.31
CA PRO A 97 19.65 5.21 -12.44
C PRO A 97 19.49 6.72 -12.33
N VAL A 98 18.45 7.19 -11.63
CA VAL A 98 18.32 8.63 -11.44
C VAL A 98 19.46 9.18 -10.59
N ARG A 99 19.90 8.40 -9.59
CA ARG A 99 21.08 8.77 -8.82
C ARG A 99 22.32 8.80 -9.71
N VAL A 100 22.42 7.85 -10.65
CA VAL A 100 23.56 7.82 -11.57
C VAL A 100 23.58 9.08 -12.41
N MET A 101 22.44 9.43 -13.01
CA MET A 101 22.35 10.64 -13.82
C MET A 101 22.72 11.88 -13.01
N ARG A 102 22.44 11.87 -11.70
CA ARG A 102 22.79 13.01 -10.86
C ARG A 102 24.31 13.18 -10.78
N LEU A 103 25.04 12.08 -10.52
CA LEU A 103 26.49 12.14 -10.51
C LEU A 103 27.06 12.47 -11.89
N LEU A 104 26.29 12.22 -12.96
CA LEU A 104 26.69 12.63 -14.30
C LEU A 104 26.60 14.13 -14.51
N GLY A 105 25.93 14.85 -13.60
CA GLY A 105 25.78 16.29 -13.70
C GLY A 105 24.39 16.78 -14.04
N VAL A 106 23.40 15.89 -14.12
CA VAL A 106 22.06 16.29 -14.55
C VAL A 106 21.43 17.16 -13.47
N GLU A 107 20.92 18.32 -13.89
CA GLU A 107 20.26 19.25 -12.98
C GLU A 107 18.76 19.34 -13.20
N THR A 108 18.27 19.01 -14.39
CA THR A 108 16.86 19.07 -14.72
C THR A 108 16.46 17.75 -15.35
N LEU A 109 15.38 17.16 -14.87
CA LEU A 109 14.90 15.86 -15.34
C LEU A 109 13.58 16.03 -16.07
N VAL A 110 13.49 15.45 -17.27
CA VAL A 110 12.27 15.42 -18.05
C VAL A 110 11.75 14.00 -18.01
N VAL A 111 10.64 13.78 -17.28
CA VAL A 111 10.03 12.47 -17.12
C VAL A 111 8.82 12.39 -18.04
N THR A 112 8.80 11.37 -18.89
CA THR A 112 7.67 11.10 -19.77
C THR A 112 7.13 9.71 -19.50
N ASN A 113 5.85 9.51 -19.79
CA ASN A 113 5.23 8.22 -19.54
C ASN A 113 3.98 8.07 -20.41
N ALA A 114 3.45 6.86 -20.41
CA ALA A 114 2.14 6.56 -20.97
C ALA A 114 1.17 6.29 -19.82
N ALA A 115 -0.06 6.80 -19.96
CA ALA A 115 -1.03 6.70 -18.88
C ALA A 115 -2.44 6.67 -19.45
N GLY A 116 -3.36 6.17 -18.64
CA GLY A 116 -4.77 6.17 -18.99
C GLY A 116 -5.45 7.43 -18.47
N ALA A 117 -6.28 8.03 -19.31
CA ALA A 117 -6.94 9.29 -18.98
C ALA A 117 -8.13 9.02 -18.06
N VAL A 118 -8.06 9.54 -16.83
CA VAL A 118 -9.18 9.43 -15.91
C VAL A 118 -10.19 10.55 -16.16
N ASN A 119 -9.69 11.77 -16.42
CA ASN A 119 -10.57 12.89 -16.74
C ASN A 119 -11.36 12.60 -18.01
N LYS A 120 -12.70 12.63 -17.88
CA LYS A 120 -13.57 12.28 -19.00
C LYS A 120 -13.56 13.33 -20.10
N ASP A 121 -13.00 14.51 -19.86
CA ASP A 121 -12.83 15.51 -20.91
C ASP A 121 -11.55 15.32 -21.72
N TYR A 122 -10.71 14.35 -21.34
CA TYR A 122 -9.49 14.07 -22.07
C TYR A 122 -9.76 13.20 -23.29
N THR A 123 -8.82 13.23 -24.23
CA THR A 123 -8.90 12.46 -25.45
C THR A 123 -7.62 11.65 -25.62
N PRO A 124 -7.73 10.40 -26.10
CA PRO A 124 -6.51 9.63 -26.41
C PRO A 124 -5.65 10.36 -27.43
N GLY A 125 -4.41 10.63 -27.04
CA GLY A 125 -3.50 11.46 -27.82
C GLY A 125 -3.14 12.77 -27.16
N ASP A 126 -3.92 13.22 -26.17
CA ASP A 126 -3.59 14.44 -25.46
C ASP A 126 -2.31 14.26 -24.63
N LEU A 127 -1.58 15.35 -24.48
CA LEU A 127 -0.40 15.40 -23.61
C LEU A 127 -0.76 16.17 -22.36
N MET A 128 -0.44 15.59 -21.20
CA MET A 128 -0.74 16.19 -19.90
C MET A 128 0.55 16.61 -19.23
N ILE A 129 0.65 17.89 -18.88
CA ILE A 129 1.73 18.37 -18.01
C ILE A 129 1.41 17.91 -16.59
N ILE A 130 2.28 17.08 -16.03
CA ILE A 130 2.04 16.57 -14.68
C ILE A 130 2.28 17.70 -13.69
N SER A 131 1.22 18.10 -12.99
CA SER A 131 1.33 19.16 -11.99
C SER A 131 1.59 18.63 -10.58
N ASP A 132 1.24 17.38 -10.32
CA ASP A 132 1.45 16.72 -9.03
C ASP A 132 1.18 15.25 -9.24
N HIS A 133 1.35 14.46 -8.20
CA HIS A 133 1.10 13.02 -8.31
C HIS A 133 0.52 12.47 -7.01
N LEU A 134 -0.09 11.29 -7.14
CA LEU A 134 -0.59 10.50 -6.02
C LEU A 134 0.14 9.17 -6.03
N ASN A 135 0.79 8.84 -4.92
CA ASN A 135 1.52 7.57 -4.80
C ASN A 135 0.58 6.54 -4.19
N LEU A 136 0.03 5.66 -5.03
CA LEU A 136 -0.90 4.63 -4.58
C LEU A 136 -0.32 3.23 -4.74
N SER A 137 1.01 3.11 -4.75
CA SER A 137 1.65 1.84 -5.07
C SER A 137 1.83 0.97 -3.84
N GLY A 138 1.96 1.56 -2.66
CA GLY A 138 2.27 0.81 -1.46
C GLY A 138 3.74 0.71 -1.13
N SER A 139 4.58 1.54 -1.75
CA SER A 139 6.01 1.53 -1.47
C SER A 139 6.57 2.92 -1.72
N ASN A 140 7.73 3.18 -1.12
CA ASN A 140 8.41 4.46 -1.24
C ASN A 140 9.88 4.20 -1.57
N PRO A 141 10.46 4.90 -2.54
CA PRO A 141 11.86 4.66 -2.90
C PRO A 141 12.87 5.14 -1.87
N LEU A 142 12.47 6.00 -0.94
CA LEU A 142 13.38 6.53 0.06
C LEU A 142 13.32 5.77 1.38
N ILE A 143 12.44 4.78 1.51
CA ILE A 143 12.36 3.99 2.74
C ILE A 143 13.66 3.21 2.92
N GLY A 144 14.25 3.32 4.10
CA GLY A 144 15.57 2.83 4.38
C GLY A 144 16.46 3.96 4.87
N LYS A 145 17.75 3.65 4.97
CA LYS A 145 18.71 4.66 5.40
C LYS A 145 18.84 5.74 4.33
N ASN A 146 18.93 7.00 4.79
CA ASN A 146 19.06 8.12 3.87
C ASN A 146 20.43 8.13 3.21
N LEU A 147 20.46 8.50 1.93
CA LEU A 147 21.71 8.70 1.20
C LEU A 147 22.10 10.16 1.38
N ASN A 148 22.89 10.43 2.42
CA ASN A 148 23.18 11.81 2.81
C ASN A 148 23.96 12.58 1.75
N GLU A 149 24.68 11.90 0.87
CA GLU A 149 25.41 12.60 -0.18
C GLU A 149 24.50 13.12 -1.28
N PHE A 150 23.22 12.72 -1.30
CA PHE A 150 22.28 13.16 -2.33
C PHE A 150 21.23 14.12 -1.82
N GLY A 151 20.67 13.90 -0.64
CA GLY A 151 19.62 14.77 -0.14
C GLY A 151 19.37 14.56 1.33
N THR A 152 18.29 15.19 1.81
CA THR A 152 17.96 15.22 3.22
C THR A 152 17.03 14.08 3.59
N ARG A 153 16.87 13.87 4.91
CA ARG A 153 16.10 12.74 5.41
C ARG A 153 14.61 12.87 5.09
N PHE A 154 14.06 14.08 5.22
CA PHE A 154 12.65 14.35 4.98
C PHE A 154 12.54 15.40 3.89
N PRO A 155 12.59 14.99 2.61
CA PRO A 155 12.53 15.98 1.53
C PRO A 155 11.12 16.51 1.32
N ASP A 156 11.02 17.80 1.01
CA ASP A 156 9.75 18.43 0.74
C ASP A 156 9.26 18.05 -0.65
N MET A 157 7.95 17.87 -0.79
CA MET A 157 7.33 17.46 -2.05
C MET A 157 6.26 18.45 -2.48
N SER A 158 6.38 19.71 -2.05
CA SER A 158 5.38 20.72 -2.37
C SER A 158 5.52 21.28 -3.78
N ASN A 159 6.70 21.14 -4.39
CA ASN A 159 6.96 21.61 -5.75
C ASN A 159 7.67 20.52 -6.54
N ALA A 160 7.15 19.29 -6.44
CA ALA A 160 7.78 18.16 -7.09
C ALA A 160 7.89 18.35 -8.60
N TYR A 161 6.86 18.92 -9.20
CA TYR A 161 6.85 19.23 -10.63
C TYR A 161 6.95 20.75 -10.76
N ASP A 162 8.15 21.23 -11.09
CA ASP A 162 8.52 22.63 -10.98
C ASP A 162 7.48 23.56 -11.60
N LYS A 163 6.96 24.47 -10.78
CA LYS A 163 5.89 25.36 -11.21
C LYS A 163 6.37 26.32 -12.30
N ASP A 164 7.55 26.91 -12.12
CA ASP A 164 8.08 27.81 -13.14
C ASP A 164 8.32 27.08 -14.45
N LEU A 165 8.78 25.82 -14.37
CA LEU A 165 9.06 25.06 -15.58
C LEU A 165 7.77 24.57 -16.23
N ARG A 166 6.73 24.31 -15.44
CA ARG A 166 5.42 24.01 -16.02
C ARG A 166 4.86 25.21 -16.78
N ALA A 167 5.06 26.41 -16.24
CA ALA A 167 4.61 27.61 -16.94
C ALA A 167 5.37 27.83 -18.23
N GLN A 168 6.66 27.47 -18.25
CA GLN A 168 7.43 27.60 -19.48
C GLN A 168 6.97 26.59 -20.53
N VAL A 169 6.57 25.39 -20.10
CA VAL A 169 6.07 24.39 -21.03
C VAL A 169 4.72 24.82 -21.61
N LYS A 170 3.86 25.40 -20.77
CA LYS A 170 2.56 25.85 -21.24
C LYS A 170 2.70 26.97 -22.27
N ASP A 171 3.72 27.81 -22.14
CA ASP A 171 3.93 28.89 -23.11
C ASP A 171 4.57 28.39 -24.39
N ILE A 172 5.43 27.37 -24.31
CA ILE A 172 6.05 26.84 -25.52
C ILE A 172 5.02 26.10 -26.35
N ALA A 173 4.15 25.31 -25.70
CA ALA A 173 3.09 24.61 -26.43
C ALA A 173 2.12 25.60 -27.08
N LYS A 174 1.77 26.67 -26.37
CA LYS A 174 0.94 27.72 -26.96
C LYS A 174 1.61 28.34 -28.18
N ASN A 175 2.92 28.54 -28.12
CA ASN A 175 3.65 29.14 -29.23
C ASN A 175 3.69 28.22 -30.45
N LEU A 176 3.59 26.91 -30.23
CA LEU A 176 3.61 25.94 -31.32
C LEU A 176 2.21 25.51 -31.76
N GLY A 177 1.16 25.92 -31.06
CA GLY A 177 -0.17 25.49 -31.39
C GLY A 177 -0.53 24.11 -30.87
N ILE A 178 0.27 23.57 -29.95
CA ILE A 178 0.03 22.25 -29.40
C ILE A 178 -0.89 22.37 -28.19
N GLU A 179 -2.06 21.73 -28.26
CA GLU A 179 -2.95 21.67 -27.11
C GLU A 179 -2.35 20.75 -26.05
N VAL A 180 -2.22 21.26 -24.83
CA VAL A 180 -1.69 20.48 -23.72
C VAL A 180 -2.64 20.61 -22.53
N ARG A 181 -2.79 19.51 -21.80
CA ARG A 181 -3.56 19.49 -20.57
C ARG A 181 -2.60 19.55 -19.38
N GLU A 182 -3.16 19.80 -18.20
CA GLU A 182 -2.38 19.83 -16.96
C GLU A 182 -3.22 19.24 -15.85
N GLY A 183 -2.70 18.22 -15.19
CA GLY A 183 -3.46 17.55 -14.16
C GLY A 183 -2.58 16.68 -13.29
N VAL A 184 -3.24 15.87 -12.46
CA VAL A 184 -2.59 15.06 -11.44
C VAL A 184 -2.48 13.63 -11.95
N TYR A 185 -1.29 13.05 -11.81
CA TYR A 185 -1.00 11.70 -12.26
C TYR A 185 -0.94 10.77 -11.05
N ALA A 186 -1.71 9.69 -11.09
CA ALA A 186 -1.70 8.71 -10.01
C ALA A 186 -0.99 7.45 -10.47
N MET A 187 -0.14 6.90 -9.61
CA MET A 187 0.58 5.68 -9.90
C MET A 187 0.00 4.52 -9.10
N PHE A 188 -0.41 3.47 -9.79
CA PHE A 188 -0.68 2.18 -9.17
C PHE A 188 0.52 1.26 -9.40
N SER A 189 0.59 0.20 -8.60
CA SER A 189 1.74 -0.70 -8.68
C SER A 189 1.78 -1.43 -10.02
N GLY A 190 0.63 -1.88 -10.51
CA GLY A 190 0.59 -2.74 -11.66
C GLY A 190 0.90 -4.17 -11.26
N PRO A 191 1.07 -5.07 -12.24
CA PRO A 191 0.98 -4.79 -13.68
C PRO A 191 -0.42 -4.94 -14.23
N THR A 192 -1.39 -5.20 -13.35
CA THR A 192 -2.78 -5.24 -13.77
C THR A 192 -3.24 -3.85 -14.21
N TYR A 193 -4.11 -3.81 -15.20
CA TYR A 193 -4.86 -2.59 -15.46
C TYR A 193 -5.90 -2.41 -14.36
N GLU A 194 -6.17 -1.15 -14.03
CA GLU A 194 -7.09 -0.86 -12.93
C GLU A 194 -8.48 -1.38 -13.25
N THR A 195 -9.21 -1.74 -12.20
CA THR A 195 -10.62 -2.08 -12.37
C THR A 195 -11.43 -0.82 -12.57
N PRO A 196 -12.62 -0.93 -13.18
CA PRO A 196 -13.51 0.25 -13.26
C PRO A 196 -13.76 0.90 -11.91
N ALA A 197 -13.88 0.11 -10.84
CA ALA A 197 -14.08 0.68 -9.52
C ALA A 197 -12.84 1.44 -9.05
N GLU A 198 -11.65 0.90 -9.33
CA GLU A 198 -10.42 1.58 -8.92
C GLU A 198 -10.21 2.87 -9.70
N VAL A 199 -10.70 2.92 -10.94
CA VAL A 199 -10.60 4.15 -11.72
C VAL A 199 -11.53 5.22 -11.16
N ARG A 200 -12.74 4.83 -10.77
CA ARG A 200 -13.66 5.79 -10.15
C ARG A 200 -13.13 6.25 -8.80
N MET A 201 -12.47 5.37 -8.05
CA MET A 201 -11.82 5.80 -6.82
C MET A 201 -10.66 6.74 -7.13
N ALA A 202 -9.90 6.47 -8.20
CA ALA A 202 -8.83 7.36 -8.60
C ALA A 202 -9.34 8.76 -8.88
N ARG A 203 -10.49 8.87 -9.55
CA ARG A 203 -11.07 10.19 -9.81
C ARG A 203 -11.51 10.85 -8.51
N ILE A 204 -12.05 10.08 -7.57
CA ILE A 204 -12.48 10.64 -6.30
C ILE A 204 -11.28 11.18 -5.53
N LEU A 205 -10.15 10.46 -5.58
CA LEU A 205 -8.94 10.91 -4.90
C LEU A 205 -8.33 12.15 -5.53
N GLY A 206 -8.76 12.54 -6.72
CA GLY A 206 -8.25 13.71 -7.38
C GLY A 206 -7.27 13.46 -8.51
N ALA A 207 -7.30 12.28 -9.13
CA ALA A 207 -6.37 11.92 -10.19
C ALA A 207 -7.01 12.14 -11.55
N ASP A 208 -6.23 12.71 -12.47
CA ASP A 208 -6.65 12.86 -13.86
C ASP A 208 -6.10 11.79 -14.78
N ALA A 209 -5.08 11.05 -14.34
CA ALA A 209 -4.46 10.02 -15.16
C ALA A 209 -3.84 8.97 -14.26
N VAL A 210 -3.84 7.73 -14.74
CA VAL A 210 -3.32 6.60 -13.98
C VAL A 210 -2.23 5.91 -14.79
N GLY A 211 -1.15 5.55 -14.12
CA GLY A 211 -0.03 4.87 -14.75
C GLY A 211 0.68 3.99 -13.73
N MET A 212 1.76 3.36 -14.17
CA MET A 212 2.49 2.42 -13.29
C MET A 212 3.94 2.88 -13.11
N SER A 213 4.20 4.16 -13.30
CA SER A 213 5.59 4.68 -13.23
C SER A 213 5.69 6.11 -12.72
N THR A 214 6.75 6.81 -13.09
CA THR A 214 6.95 8.27 -12.86
C THR A 214 7.17 8.61 -11.38
N VAL A 215 6.20 8.34 -10.52
CA VAL A 215 6.28 8.72 -9.08
C VAL A 215 7.63 8.31 -8.49
N PRO A 216 8.14 7.07 -8.63
CA PRO A 216 9.41 6.79 -7.93
C PRO A 216 10.58 7.63 -8.43
N GLU A 217 10.65 7.86 -9.74
CA GLU A 217 11.73 8.68 -10.28
C GLU A 217 11.62 10.13 -9.81
N VAL A 218 10.41 10.67 -9.79
CA VAL A 218 10.21 12.06 -9.38
C VAL A 218 10.64 12.27 -7.93
N ILE A 219 10.33 11.29 -7.07
CA ILE A 219 10.70 11.41 -5.66
C ILE A 219 12.22 11.46 -5.51
N ILE A 220 12.92 10.53 -6.14
CA ILE A 220 14.38 10.49 -6.05
C ILE A 220 15.00 11.68 -6.76
N ALA A 221 14.39 12.14 -7.85
CA ALA A 221 14.89 13.32 -8.54
C ALA A 221 14.86 14.55 -7.63
N ASN A 222 13.71 14.82 -7.02
CA ASN A 222 13.60 15.98 -6.12
C ASN A 222 14.50 15.82 -4.90
N HIS A 223 14.63 14.59 -4.40
CA HIS A 223 15.52 14.36 -3.26
C HIS A 223 16.96 14.68 -3.61
N SER A 224 17.37 14.39 -4.85
CA SER A 224 18.75 14.62 -5.28
C SER A 224 19.04 16.08 -5.58
N GLY A 225 18.03 16.95 -5.61
CA GLY A 225 18.22 18.36 -5.89
C GLY A 225 17.99 18.77 -7.32
N MET A 226 17.21 18.01 -8.08
CA MET A 226 16.97 18.29 -9.49
C MET A 226 15.57 18.86 -9.68
N LYS A 227 15.40 19.63 -10.74
CA LYS A 227 14.08 20.09 -11.15
C LYS A 227 13.48 19.09 -12.13
N VAL A 228 12.15 18.96 -12.09
CA VAL A 228 11.45 17.90 -12.81
C VAL A 228 10.31 18.49 -13.63
N ILE A 229 10.20 18.06 -14.88
CA ILE A 229 9.03 18.30 -15.71
C ILE A 229 8.43 16.94 -16.07
N GLY A 230 7.12 16.81 -15.91
CA GLY A 230 6.45 15.59 -16.28
C GLY A 230 5.44 15.79 -17.38
N VAL A 231 5.57 15.04 -18.47
CA VAL A 231 4.66 15.11 -19.61
C VAL A 231 4.16 13.69 -19.86
N SER A 232 2.87 13.45 -19.58
CA SER A 232 2.27 12.14 -19.69
C SER A 232 1.35 12.11 -20.91
N CYS A 233 1.46 11.06 -21.72
CA CYS A 233 0.67 10.90 -22.92
C CYS A 233 -0.56 10.04 -22.62
N MET A 234 -1.74 10.57 -22.93
CA MET A 234 -3.00 9.86 -22.74
C MET A 234 -3.14 8.83 -23.85
N THR A 235 -2.63 7.62 -23.61
CA THR A 235 -2.67 6.57 -24.61
C THR A 235 -4.01 5.84 -24.66
N ASN A 236 -4.86 6.02 -23.66
CA ASN A 236 -6.15 5.36 -23.60
C ASN A 236 -7.00 6.05 -22.55
N MET A 237 -8.31 5.91 -22.67
CA MET A 237 -9.21 6.27 -21.58
C MET A 237 -9.15 5.17 -20.53
N ALA A 238 -9.10 5.57 -19.26
CA ALA A 238 -8.92 4.63 -18.17
C ALA A 238 -10.05 3.60 -18.15
N ALA A 239 -9.79 2.47 -17.49
CA ALA A 239 -10.70 1.34 -17.55
C ALA A 239 -12.07 1.70 -17.00
N GLY A 240 -13.11 1.19 -17.66
CA GLY A 240 -14.48 1.42 -17.25
C GLY A 240 -15.15 2.61 -17.88
N ILE A 241 -14.38 3.55 -18.45
CA ILE A 241 -14.97 4.73 -19.06
C ILE A 241 -15.70 4.35 -20.35
N LEU A 242 -15.03 3.59 -21.22
CA LEU A 242 -15.66 3.04 -22.41
C LEU A 242 -16.02 1.58 -22.15
N GLU A 243 -16.68 0.96 -23.13
CA GLU A 243 -17.01 -0.45 -23.06
C GLU A 243 -16.04 -1.26 -23.93
N GLN A 244 -14.79 -1.27 -23.48
CA GLN A 244 -13.70 -1.90 -24.20
C GLN A 244 -12.74 -2.52 -23.19
N PRO A 245 -12.09 -3.61 -23.53
CA PRO A 245 -10.96 -4.07 -22.72
C PRO A 245 -9.75 -3.17 -22.96
N LEU A 246 -8.89 -3.08 -21.94
CA LEU A 246 -7.65 -2.34 -22.07
C LEU A 246 -6.55 -3.27 -22.57
N ASN A 247 -5.78 -2.78 -23.55
CA ASN A 247 -4.84 -3.60 -24.28
C ASN A 247 -3.54 -2.83 -24.47
N HIS A 248 -2.40 -3.45 -24.17
CA HIS A 248 -1.07 -2.79 -24.31
C HIS A 248 -0.76 -2.42 -25.77
N GLU A 249 -1.35 -3.12 -26.72
CA GLU A 249 -1.18 -2.78 -28.15
C GLU A 249 -1.82 -1.41 -28.44
N GLU A 250 -2.91 -1.09 -27.78
CA GLU A 250 -3.54 0.25 -27.95
C GLU A 250 -2.60 1.32 -27.41
N VAL A 251 -1.98 1.05 -26.27
CA VAL A 251 -1.05 2.04 -25.64
C VAL A 251 0.06 2.33 -26.65
N MET A 252 0.65 1.29 -27.20
CA MET A 252 1.73 1.48 -28.21
CA MET A 252 1.74 1.48 -28.22
C MET A 252 1.36 2.26 -29.52
N GLU A 253 0.16 1.91 -29.99
CA GLU A 253 -0.31 2.57 -31.24
C GLU A 253 -0.58 4.07 -31.04
N THR A 254 -1.27 4.44 -29.96
CA THR A 254 -1.54 5.86 -29.64
C THR A 254 -0.22 6.61 -29.42
N SER A 255 0.72 6.02 -28.68
CA SER A 255 2.06 6.61 -28.48
C SER A 255 2.71 6.87 -29.84
N ALA A 256 2.56 5.93 -30.77
CA ALA A 256 3.18 6.09 -32.11
C ALA A 256 2.46 7.16 -32.93
N LYS A 257 1.15 7.35 -32.74
CA LYS A 257 0.42 8.33 -33.58
C LYS A 257 0.72 9.75 -33.12
N VAL A 258 1.14 9.94 -31.87
CA VAL A 258 1.34 11.31 -31.33
C VAL A 258 2.83 11.62 -31.21
N ARG A 259 3.69 10.75 -31.73
CA ARG A 259 5.15 10.94 -31.54
C ARG A 259 5.61 12.27 -32.16
N LYS A 260 5.17 12.57 -33.38
CA LYS A 260 5.61 13.82 -34.04
C LYS A 260 5.36 15.03 -33.14
N THR A 261 4.13 15.22 -32.68
CA THR A 261 3.77 16.39 -31.84
C THR A 261 4.56 16.34 -30.52
N PHE A 262 4.72 15.15 -29.96
CA PHE A 262 5.44 14.98 -28.68
C PHE A 262 6.91 15.40 -28.87
N ILE A 263 7.52 15.02 -29.99
CA ILE A 263 8.95 15.36 -30.27
C ILE A 263 9.08 16.89 -30.39
N GLU A 264 8.17 17.53 -31.10
CA GLU A 264 8.25 19.00 -31.31
C GLU A 264 8.14 19.75 -29.98
N LEU A 265 7.24 19.34 -29.10
CA LEU A 265 7.11 19.97 -27.76
C LEU A 265 8.42 19.82 -26.99
N MET A 266 8.87 18.58 -26.80
CA MET A 266 10.09 18.30 -26.01
C MET A 266 11.33 18.92 -26.65
N THR A 267 11.40 18.95 -27.99
CA THR A 267 12.59 19.47 -28.69
C THR A 267 12.72 20.95 -28.32
N ASN A 268 11.60 21.67 -28.37
CA ASN A 268 11.59 23.12 -28.04
C ASN A 268 11.81 23.31 -26.53
N ILE A 269 11.17 22.49 -25.71
CA ILE A 269 11.37 22.55 -24.24
C ILE A 269 12.86 22.48 -23.92
N ILE A 270 13.56 21.48 -24.46
CA ILE A 270 14.99 21.26 -24.08
C ILE A 270 15.83 22.44 -24.56
N LYS A 271 15.48 23.03 -25.70
CA LYS A 271 16.21 24.21 -26.22
C LYS A 271 16.02 25.42 -25.30
N GLU A 272 14.80 25.63 -24.83
CA GLU A 272 14.49 26.86 -24.04
C GLU A 272 14.70 26.67 -22.53
N ILE A 273 14.93 25.43 -22.09
CA ILE A 273 15.17 25.18 -20.64
C ILE A 273 16.45 25.91 -20.28
N MET B 2 14.24 -24.56 -9.14
CA MET B 2 12.97 -24.58 -9.92
C MET B 2 12.36 -23.19 -9.83
N ASP B 3 12.20 -22.55 -10.97
CA ASP B 3 11.55 -21.22 -10.98
C ASP B 3 10.10 -21.38 -10.50
N LEU B 4 9.49 -20.29 -10.06
CA LEU B 4 8.08 -20.37 -9.69
C LEU B 4 7.26 -21.07 -10.78
N SER B 5 7.65 -20.91 -12.05
CA SER B 5 6.93 -21.57 -13.14
C SER B 5 7.01 -23.08 -13.03
N ASN B 6 8.22 -23.61 -12.80
CA ASN B 6 8.39 -25.05 -12.69
C ASN B 6 7.74 -25.59 -11.42
N LYS B 7 7.80 -24.83 -10.32
CA LYS B 7 7.20 -25.29 -9.07
C LYS B 7 5.70 -25.47 -9.21
N ILE B 8 5.03 -24.56 -9.91
CA ILE B 8 3.61 -24.73 -10.19
C ILE B 8 3.36 -25.99 -10.99
N LYS B 9 4.18 -26.21 -12.04
CA LYS B 9 3.99 -27.36 -12.90
C LYS B 9 4.26 -28.68 -12.18
N ALA B 10 5.24 -28.69 -11.27
CA ALA B 10 5.52 -29.90 -10.51
C ALA B 10 4.34 -30.28 -9.62
N ALA B 11 3.66 -29.29 -9.04
CA ALA B 11 2.48 -29.57 -8.24
C ALA B 11 1.34 -30.08 -9.10
N ALA B 12 1.20 -29.54 -10.32
CA ALA B 12 0.10 -29.96 -11.18
C ALA B 12 0.31 -31.37 -11.70
N GLU B 13 1.53 -31.68 -12.15
CA GLU B 13 1.81 -33.03 -12.65
C GLU B 13 1.70 -34.07 -11.55
N TYR B 14 1.91 -33.67 -10.29
CA TYR B 14 1.69 -34.58 -9.17
C TYR B 14 0.21 -34.92 -9.04
N ILE B 15 -0.64 -33.90 -9.03
CA ILE B 15 -2.08 -34.12 -8.91
C ILE B 15 -2.62 -34.85 -10.13
N LYS B 16 -2.18 -34.46 -11.32
CA LYS B 16 -2.70 -35.06 -12.55
C LYS B 16 -2.35 -36.54 -12.63
N GLY B 17 -1.15 -36.92 -12.17
CA GLY B 17 -0.75 -38.32 -12.16
C GLY B 17 -1.47 -39.17 -11.14
N LYS B 18 -2.25 -38.56 -10.24
CA LYS B 18 -3.00 -39.29 -9.23
C LYS B 18 -4.48 -38.92 -9.26
N SER B 19 -4.96 -38.47 -10.42
CA SER B 19 -6.35 -38.02 -10.56
C SER B 19 -6.96 -38.61 -11.82
N LYS B 20 -8.20 -39.09 -11.71
CA LYS B 20 -8.96 -39.55 -12.87
C LYS B 20 -9.75 -38.43 -13.51
N TYR B 21 -9.72 -37.22 -12.94
CA TYR B 21 -10.64 -36.15 -13.29
C TYR B 21 -9.97 -35.08 -14.13
N ASN B 22 -10.77 -34.47 -15.02
CA ASN B 22 -10.40 -33.25 -15.72
C ASN B 22 -11.30 -32.13 -15.21
N PRO B 23 -11.03 -31.58 -14.03
CA PRO B 23 -11.97 -30.63 -13.42
C PRO B 23 -12.05 -29.34 -14.23
N THR B 24 -13.27 -28.88 -14.48
CA THR B 24 -13.50 -27.67 -15.25
C THR B 24 -13.89 -26.47 -14.40
N ILE B 25 -14.28 -26.69 -13.14
CA ILE B 25 -14.75 -25.63 -12.26
C ILE B 25 -13.92 -25.65 -10.99
N GLY B 26 -13.35 -24.50 -10.63
CA GLY B 26 -12.62 -24.35 -9.40
C GLY B 26 -13.48 -23.73 -8.32
N LEU B 27 -13.21 -24.10 -7.06
CA LEU B 27 -14.02 -23.65 -5.94
C LEU B 27 -13.08 -23.22 -4.83
N ILE B 28 -13.10 -21.92 -4.50
CA ILE B 28 -12.44 -21.42 -3.30
C ILE B 28 -13.53 -21.00 -2.33
N LEU B 29 -13.95 -21.92 -1.47
CA LEU B 29 -15.07 -21.70 -0.56
C LEU B 29 -14.58 -21.07 0.74
N GLY B 30 -15.24 -20.00 1.16
CA GLY B 30 -14.75 -19.24 2.30
C GLY B 30 -15.72 -19.08 3.45
N SER B 31 -16.96 -18.69 3.15
CA SER B 31 -17.93 -18.31 4.19
C SER B 31 -18.57 -19.55 4.82
N GLY B 32 -17.73 -20.42 5.37
CA GLY B 32 -18.22 -21.64 5.96
C GLY B 32 -18.91 -22.57 4.98
N LEU B 33 -18.65 -22.40 3.69
CA LEU B 33 -19.25 -23.22 2.66
C LEU B 33 -18.43 -24.47 2.35
N GLY B 34 -17.56 -24.88 3.28
CA GLY B 34 -16.84 -26.13 3.11
C GLY B 34 -17.75 -27.34 3.00
N ALA B 35 -18.98 -27.22 3.51
CA ALA B 35 -19.95 -28.31 3.36
C ALA B 35 -20.21 -28.63 1.89
N ILE B 36 -20.02 -27.64 1.01
CA ILE B 36 -20.14 -27.90 -0.43
C ILE B 36 -19.09 -28.89 -0.88
N ALA B 37 -17.86 -28.74 -0.39
CA ALA B 37 -16.79 -29.66 -0.77
C ALA B 37 -17.07 -31.07 -0.27
N ASP B 38 -17.63 -31.19 0.94
CA ASP B 38 -17.92 -32.50 1.52
C ASP B 38 -19.11 -33.19 0.87
N GLN B 39 -19.75 -32.57 -0.12
CA GLN B 39 -20.81 -33.21 -0.90
C GLN B 39 -20.35 -33.57 -2.31
N ILE B 40 -19.05 -33.46 -2.58
CA ILE B 40 -18.51 -33.85 -3.87
C ILE B 40 -18.46 -35.37 -3.97
N GLU B 41 -18.89 -35.91 -5.10
CA GLU B 41 -19.04 -37.34 -5.27
C GLU B 41 -17.79 -37.98 -5.84
N ASP B 42 -17.50 -39.21 -5.39
CA ASP B 42 -16.35 -39.99 -5.84
C ASP B 42 -15.06 -39.15 -5.75
N ALA B 43 -14.83 -38.60 -4.57
CA ALA B 43 -13.83 -37.55 -4.40
C ALA B 43 -12.42 -38.13 -4.28
N GLU B 44 -11.45 -37.36 -4.81
CA GLU B 44 -10.04 -37.56 -4.55
C GLU B 44 -9.55 -36.46 -3.62
N TYR B 45 -8.69 -36.83 -2.68
CA TYR B 45 -8.23 -35.89 -1.65
C TYR B 45 -6.72 -35.71 -1.77
N PHE B 46 -6.28 -34.45 -1.81
CA PHE B 46 -4.87 -34.09 -1.88
C PHE B 46 -4.58 -33.04 -0.82
N PRO B 47 -4.11 -33.45 0.36
CA PRO B 47 -3.75 -32.47 1.39
C PRO B 47 -2.56 -31.62 0.97
N TYR B 48 -2.54 -30.39 1.47
CA TYR B 48 -1.58 -29.40 0.99
C TYR B 48 -0.14 -29.82 1.27
N ASN B 49 0.10 -30.47 2.42
CA ASN B 49 1.46 -30.81 2.80
C ASN B 49 2.05 -31.94 1.95
N GLU B 50 1.23 -32.64 1.16
CA GLU B 50 1.70 -33.70 0.30
C GLU B 50 1.93 -33.26 -1.14
N ILE B 51 1.50 -32.05 -1.50
CA ILE B 51 1.69 -31.54 -2.87
C ILE B 51 3.01 -30.80 -2.93
N PRO B 52 3.85 -31.07 -3.92
CA PRO B 52 5.14 -30.37 -4.00
C PRO B 52 4.96 -28.87 -4.20
N ASN B 53 5.82 -28.10 -3.51
CA ASN B 53 5.92 -26.65 -3.63
C ASN B 53 4.68 -25.90 -3.16
N PHE B 54 3.75 -26.57 -2.47
CA PHE B 54 2.58 -25.87 -1.96
C PHE B 54 2.95 -25.06 -0.73
N PRO B 55 2.20 -23.99 -0.43
CA PRO B 55 2.46 -23.23 0.80
C PRO B 55 2.22 -24.08 2.04
N VAL B 56 3.09 -23.92 3.02
CA VAL B 56 3.16 -24.81 4.18
C VAL B 56 2.28 -24.27 5.31
N SER B 57 1.71 -25.21 6.07
CA SER B 57 0.93 -24.91 7.27
C SER B 57 -0.17 -23.88 7.03
N ALA B 63 -3.34 -29.80 7.39
CA ALA B 63 -4.54 -29.01 7.57
C ALA B 63 -5.45 -29.10 6.34
N GLY B 64 -5.46 -28.05 5.53
CA GLY B 64 -6.33 -27.98 4.37
C GLY B 64 -5.98 -29.01 3.32
N ARG B 65 -6.85 -29.09 2.32
CA ARG B 65 -6.71 -30.10 1.28
C ARG B 65 -7.48 -29.67 0.03
N LEU B 66 -7.15 -30.31 -1.08
CA LEU B 66 -7.90 -30.16 -2.33
C LEU B 66 -8.87 -31.32 -2.48
N VAL B 67 -10.10 -31.02 -2.86
CA VAL B 67 -11.14 -32.02 -3.08
C VAL B 67 -11.52 -31.98 -4.55
N ILE B 68 -11.37 -33.11 -5.24
CA ILE B 68 -11.66 -33.21 -6.67
C ILE B 68 -12.65 -34.35 -6.88
N GLY B 69 -13.69 -34.08 -7.67
CA GLY B 69 -14.68 -35.12 -7.96
C GLY B 69 -15.85 -34.58 -8.75
N LYS B 70 -17.00 -35.20 -8.53
CA LYS B 70 -18.21 -34.91 -9.29
C LYS B 70 -19.18 -34.07 -8.46
N PHE B 71 -19.87 -33.15 -9.13
CA PHE B 71 -20.81 -32.27 -8.44
C PHE B 71 -21.79 -31.72 -9.47
N GLN B 72 -23.04 -32.20 -9.41
CA GLN B 72 -24.12 -31.72 -10.28
C GLN B 72 -23.75 -31.85 -11.76
N GLY B 73 -23.11 -32.95 -12.11
CA GLY B 73 -22.70 -33.19 -13.49
C GLY B 73 -21.42 -32.51 -13.90
N LYS B 74 -20.77 -31.77 -13.00
CA LYS B 74 -19.53 -31.08 -13.30
C LYS B 74 -18.38 -31.73 -12.53
N GLU B 75 -17.21 -31.77 -13.16
CA GLU B 75 -15.99 -32.18 -12.49
C GLU B 75 -15.34 -30.94 -11.89
N VAL B 76 -15.15 -30.95 -10.57
CA VAL B 76 -14.72 -29.76 -9.83
C VAL B 76 -13.48 -30.07 -9.02
N VAL B 77 -12.77 -29.01 -8.63
CA VAL B 77 -11.71 -29.07 -7.64
C VAL B 77 -11.93 -27.92 -6.68
N ALA B 78 -11.91 -28.22 -5.37
CA ALA B 78 -12.22 -27.24 -4.35
C ALA B 78 -11.12 -27.21 -3.31
N MET B 79 -10.74 -26.01 -2.89
CA MET B 79 -9.90 -25.86 -1.70
C MET B 79 -10.80 -25.87 -0.48
N GLN B 80 -10.40 -26.59 0.56
CA GLN B 80 -11.12 -26.52 1.83
C GLN B 80 -10.65 -25.31 2.63
N GLY B 81 -9.41 -25.35 3.12
CA GLY B 81 -8.83 -24.18 3.74
C GLY B 81 -8.19 -23.27 2.69
N ARG B 82 -8.19 -21.98 2.99
CA ARG B 82 -7.60 -20.98 2.10
C ARG B 82 -6.31 -20.44 2.71
N PHE B 83 -5.41 -20.00 1.84
CA PHE B 83 -4.19 -19.32 2.26
C PHE B 83 -4.45 -17.82 2.24
N HIS B 84 -4.17 -17.15 3.35
CA HIS B 84 -4.51 -15.75 3.53
C HIS B 84 -3.25 -14.90 3.62
N TYR B 85 -3.36 -13.67 3.12
CA TYR B 85 -2.23 -12.75 3.12
C TYR B 85 -1.87 -12.29 4.53
N TYR B 86 -2.85 -12.21 5.42
CA TYR B 86 -2.59 -11.71 6.77
C TYR B 86 -1.84 -12.74 7.63
N GLU B 87 -1.81 -13.99 7.23
CA GLU B 87 -1.08 -15.00 8.00
C GLU B 87 0.42 -15.02 7.70
N GLY B 88 0.88 -14.21 6.76
CA GLY B 88 2.30 -14.10 6.44
C GLY B 88 2.69 -14.59 5.06
N TYR B 89 1.81 -15.32 4.37
CA TYR B 89 2.13 -15.80 3.04
C TYR B 89 2.28 -14.63 2.07
N SER B 90 3.21 -14.79 1.13
CA SER B 90 3.34 -13.82 0.05
C SER B 90 2.16 -13.95 -0.92
N MET B 91 1.95 -12.90 -1.70
CA MET B 91 0.86 -12.94 -2.68
C MET B 91 1.08 -14.05 -3.70
N GLN B 92 2.33 -14.45 -3.93
CA GLN B 92 2.60 -15.57 -4.81
C GLN B 92 2.21 -16.89 -4.17
N GLU B 93 2.46 -17.03 -2.86
CA GLU B 93 2.05 -18.24 -2.15
C GLU B 93 0.53 -18.30 -1.98
N VAL B 94 -0.11 -17.14 -1.82
CA VAL B 94 -1.56 -17.10 -1.63
C VAL B 94 -2.27 -17.60 -2.89
N THR B 95 -1.72 -17.27 -4.06
CA THR B 95 -2.39 -17.51 -5.34
C THR B 95 -1.83 -18.70 -6.11
N CYS B 96 -0.79 -19.37 -5.58
CA CYS B 96 -0.27 -20.55 -6.25
C CYS B 96 -1.32 -21.63 -6.50
N PRO B 97 -2.24 -21.93 -5.57
CA PRO B 97 -3.27 -22.94 -5.88
C PRO B 97 -4.12 -22.61 -7.09
N VAL B 98 -4.28 -21.32 -7.42
CA VAL B 98 -5.06 -20.96 -8.60
C VAL B 98 -4.31 -21.33 -9.87
N ARG B 99 -2.98 -21.11 -9.87
CA ARG B 99 -2.17 -21.48 -11.04
C ARG B 99 -2.24 -22.99 -11.29
N VAL B 100 -2.11 -23.78 -10.21
CA VAL B 100 -2.20 -25.23 -10.35
C VAL B 100 -3.58 -25.63 -10.85
N MET B 101 -4.62 -24.94 -10.39
CA MET B 101 -5.97 -25.20 -10.88
C MET B 101 -6.05 -25.03 -12.39
N ARG B 102 -5.42 -23.99 -12.93
CA ARG B 102 -5.42 -23.77 -14.37
C ARG B 102 -4.81 -24.95 -15.11
N LEU B 103 -3.73 -25.52 -14.57
CA LEU B 103 -3.08 -26.64 -15.23
C LEU B 103 -3.89 -27.92 -15.10
N LEU B 104 -4.67 -28.06 -14.03
CA LEU B 104 -5.57 -29.20 -13.91
C LEU B 104 -6.75 -29.12 -14.88
N GLY B 105 -6.93 -27.99 -15.56
CA GLY B 105 -7.98 -27.83 -16.53
C GLY B 105 -9.09 -26.88 -16.14
N VAL B 106 -8.96 -26.18 -15.01
CA VAL B 106 -10.04 -25.31 -14.53
C VAL B 106 -10.21 -24.14 -15.48
N GLU B 107 -11.47 -23.86 -15.84
CA GLU B 107 -11.82 -22.75 -16.72
C GLU B 107 -12.71 -21.71 -16.05
N THR B 108 -13.47 -22.08 -15.02
CA THR B 108 -14.32 -21.16 -14.30
C THR B 108 -14.03 -21.28 -12.81
N LEU B 109 -13.78 -20.15 -12.16
CA LEU B 109 -13.47 -20.11 -10.74
C LEU B 109 -14.63 -19.47 -9.99
N VAL B 110 -15.12 -20.16 -8.96
CA VAL B 110 -16.16 -19.64 -8.08
C VAL B 110 -15.50 -19.32 -6.74
N VAL B 111 -15.54 -18.04 -6.35
CA VAL B 111 -14.93 -17.57 -5.12
C VAL B 111 -16.03 -17.02 -4.22
N THR B 112 -16.08 -17.49 -2.97
CA THR B 112 -16.97 -16.96 -1.96
C THR B 112 -16.18 -16.50 -0.75
N ASN B 113 -16.77 -15.60 0.03
CA ASN B 113 -16.09 -15.08 1.20
C ASN B 113 -17.13 -14.50 2.16
N ALA B 114 -16.64 -14.09 3.33
CA ALA B 114 -17.41 -13.34 4.30
C ALA B 114 -16.83 -11.93 4.39
N ALA B 115 -17.70 -10.93 4.44
CA ALA B 115 -17.27 -9.54 4.42
C ALA B 115 -18.15 -8.71 5.34
N GLY B 116 -17.68 -7.51 5.65
CA GLY B 116 -18.44 -6.55 6.43
C GLY B 116 -19.15 -5.58 5.50
N ALA B 117 -20.45 -5.41 5.74
CA ALA B 117 -21.26 -4.56 4.89
C ALA B 117 -20.95 -3.09 5.17
N VAL B 118 -20.45 -2.38 4.17
CA VAL B 118 -20.23 -0.95 4.27
C VAL B 118 -21.46 -0.17 3.81
N ASN B 119 -22.14 -0.67 2.77
CA ASN B 119 -23.40 -0.10 2.33
C ASN B 119 -24.43 -0.19 3.45
N LYS B 120 -24.85 0.97 3.96
CA LYS B 120 -25.80 1.01 5.07
C LYS B 120 -27.17 0.44 4.71
N ASP B 121 -27.41 0.10 3.45
CA ASP B 121 -28.67 -0.48 3.00
C ASP B 121 -28.67 -2.01 3.11
N TYR B 122 -27.57 -2.62 3.50
CA TYR B 122 -27.49 -4.07 3.61
C TYR B 122 -27.85 -4.53 5.03
N THR B 123 -28.29 -5.78 5.12
CA THR B 123 -28.53 -6.45 6.39
C THR B 123 -27.60 -7.66 6.50
N PRO B 124 -27.08 -7.94 7.70
CA PRO B 124 -26.27 -9.16 7.86
C PRO B 124 -27.07 -10.39 7.46
N GLY B 125 -26.43 -11.27 6.69
CA GLY B 125 -27.07 -12.39 6.06
C GLY B 125 -27.32 -12.21 4.57
N ASP B 126 -27.25 -10.99 4.08
CA ASP B 126 -27.42 -10.75 2.65
C ASP B 126 -26.27 -11.36 1.86
N LEU B 127 -26.55 -11.70 0.60
CA LEU B 127 -25.56 -12.24 -0.31
C LEU B 127 -25.33 -11.22 -1.42
N MET B 128 -24.09 -10.76 -1.55
CA MET B 128 -23.74 -9.72 -2.51
C MET B 128 -22.88 -10.34 -3.61
N ILE B 129 -23.43 -10.41 -4.83
CA ILE B 129 -22.61 -10.75 -5.98
C ILE B 129 -21.58 -9.65 -6.18
N ILE B 130 -20.32 -10.05 -6.34
CA ILE B 130 -19.23 -9.09 -6.50
C ILE B 130 -19.20 -8.64 -7.96
N SER B 131 -19.51 -7.37 -8.19
CA SER B 131 -19.45 -6.82 -9.54
C SER B 131 -18.07 -6.27 -9.89
N ASP B 132 -17.33 -5.78 -8.89
CA ASP B 132 -15.98 -5.27 -9.07
C ASP B 132 -15.32 -5.24 -7.71
N HIS B 133 -14.02 -4.93 -7.70
CA HIS B 133 -13.29 -4.91 -6.43
C HIS B 133 -12.32 -3.74 -6.39
N LEU B 134 -11.90 -3.41 -5.16
CA LEU B 134 -10.85 -2.44 -4.91
C LEU B 134 -9.74 -3.12 -4.12
N ASN B 135 -8.52 -3.08 -4.67
CA ASN B 135 -7.35 -3.65 -4.00
C ASN B 135 -6.74 -2.57 -3.11
N LEU B 136 -6.95 -2.68 -1.80
CA LEU B 136 -6.45 -1.72 -0.83
C LEU B 136 -5.51 -2.38 0.17
N SER B 137 -4.71 -3.35 -0.30
CA SER B 137 -3.81 -4.09 0.57
C SER B 137 -2.36 -3.60 0.51
N GLY B 138 -1.95 -2.99 -0.59
CA GLY B 138 -0.57 -2.56 -0.77
C GLY B 138 0.31 -3.53 -1.53
N SER B 139 -0.24 -4.63 -2.03
CA SER B 139 0.53 -5.60 -2.80
C SER B 139 -0.30 -6.08 -3.98
N ASN B 140 0.36 -6.76 -4.92
CA ASN B 140 -0.26 -7.26 -6.14
C ASN B 140 0.37 -8.61 -6.44
N PRO B 141 -0.43 -9.64 -6.68
CA PRO B 141 0.14 -10.99 -6.88
C PRO B 141 0.90 -11.16 -8.19
N LEU B 142 0.71 -10.28 -9.17
CA LEU B 142 1.38 -10.40 -10.46
C LEU B 142 2.68 -9.63 -10.52
N ILE B 143 3.08 -8.93 -9.45
CA ILE B 143 4.34 -8.20 -9.46
C ILE B 143 5.48 -9.20 -9.56
N GLY B 144 6.40 -8.94 -10.48
CA GLY B 144 7.50 -9.84 -10.78
C GLY B 144 7.50 -10.22 -12.24
N LYS B 145 8.35 -11.19 -12.56
CA LYS B 145 8.46 -11.65 -13.94
C LYS B 145 7.15 -12.31 -14.36
N ASN B 146 6.65 -11.93 -15.54
CA ASN B 146 5.39 -12.48 -16.03
C ASN B 146 5.56 -13.94 -16.45
N LEU B 147 4.59 -14.77 -16.07
CA LEU B 147 4.53 -16.15 -16.52
C LEU B 147 3.81 -16.18 -17.86
N ASN B 148 4.58 -16.23 -18.95
CA ASN B 148 4.00 -16.15 -20.28
C ASN B 148 3.12 -17.35 -20.60
N GLU B 149 3.38 -18.50 -19.96
CA GLU B 149 2.57 -19.68 -20.19
C GLU B 149 1.17 -19.56 -19.58
N PHE B 150 0.91 -18.52 -18.80
CA PHE B 150 -0.41 -18.30 -18.19
C PHE B 150 -1.16 -17.13 -18.80
N GLY B 151 -0.51 -16.00 -19.02
CA GLY B 151 -1.21 -14.85 -19.56
C GLY B 151 -0.25 -13.76 -19.99
N THR B 152 -0.83 -12.61 -20.33
CA THR B 152 -0.07 -11.47 -20.84
C THR B 152 0.51 -10.66 -19.67
N ARG B 153 1.44 -9.77 -20.02
CA ARG B 153 2.11 -8.97 -18.99
C ARG B 153 1.15 -7.97 -18.35
N PHE B 154 0.25 -7.37 -19.14
CA PHE B 154 -0.69 -6.36 -18.68
C PHE B 154 -2.11 -6.88 -18.86
N PRO B 155 -2.59 -7.70 -17.93
CA PRO B 155 -3.92 -8.29 -18.10
C PRO B 155 -5.02 -7.26 -17.87
N ASP B 156 -6.12 -7.42 -18.61
CA ASP B 156 -7.25 -6.52 -18.50
C ASP B 156 -8.10 -6.90 -17.29
N MET B 157 -8.64 -5.87 -16.62
CA MET B 157 -9.46 -6.07 -15.43
C MET B 157 -10.82 -5.39 -15.56
N SER B 158 -11.29 -5.18 -16.79
CA SER B 158 -12.60 -4.54 -17.00
C SER B 158 -13.76 -5.52 -16.86
N ASN B 159 -13.49 -6.81 -16.83
CA ASN B 159 -14.51 -7.85 -16.65
C ASN B 159 -13.95 -8.90 -15.70
N ALA B 160 -13.44 -8.46 -14.55
CA ALA B 160 -12.86 -9.36 -13.57
C ALA B 160 -13.89 -10.34 -13.02
N TYR B 161 -15.12 -9.88 -12.86
CA TYR B 161 -16.24 -10.73 -12.45
C TYR B 161 -17.21 -10.77 -13.64
N ASP B 162 -17.10 -11.83 -14.43
CA ASP B 162 -17.77 -11.95 -15.73
C ASP B 162 -19.22 -11.49 -15.66
N LYS B 163 -19.56 -10.53 -16.54
CA LYS B 163 -20.89 -9.95 -16.52
C LYS B 163 -21.96 -10.98 -16.82
N ASP B 164 -21.70 -11.89 -17.76
CA ASP B 164 -22.70 -12.89 -18.13
C ASP B 164 -22.93 -13.90 -17.03
N LEU B 165 -21.86 -14.27 -16.31
CA LEU B 165 -22.02 -15.17 -15.16
C LEU B 165 -22.80 -14.49 -14.04
N ARG B 166 -22.61 -13.17 -13.86
CA ARG B 166 -23.38 -12.44 -12.86
C ARG B 166 -24.86 -12.41 -13.23
N ALA B 167 -25.17 -12.27 -14.52
CA ALA B 167 -26.55 -12.34 -14.96
C ALA B 167 -27.15 -13.72 -14.72
N GLN B 168 -26.33 -14.77 -14.82
CA GLN B 168 -26.81 -16.12 -14.55
C GLN B 168 -27.16 -16.31 -13.08
N VAL B 169 -26.32 -15.79 -12.18
CA VAL B 169 -26.57 -15.93 -10.75
C VAL B 169 -27.85 -15.17 -10.38
N LYS B 170 -27.99 -13.94 -10.88
CA LYS B 170 -29.20 -13.17 -10.62
C LYS B 170 -30.44 -13.89 -11.14
N ASP B 171 -30.37 -14.45 -12.35
CA ASP B 171 -31.50 -15.17 -12.90
C ASP B 171 -31.79 -16.44 -12.11
N ILE B 172 -30.75 -17.14 -11.68
CA ILE B 172 -30.93 -18.33 -10.85
C ILE B 172 -31.53 -17.96 -9.50
N ALA B 173 -31.01 -16.89 -8.88
CA ALA B 173 -31.55 -16.44 -7.59
C ALA B 173 -33.00 -16.04 -7.70
N LYS B 174 -33.41 -15.45 -8.82
CA LYS B 174 -34.81 -15.08 -8.99
C LYS B 174 -35.71 -16.30 -9.09
N ASN B 175 -35.27 -17.31 -9.85
CA ASN B 175 -36.04 -18.54 -9.97
C ASN B 175 -36.20 -19.23 -8.61
N LEU B 176 -35.13 -19.24 -7.81
CA LEU B 176 -35.17 -19.88 -6.50
C LEU B 176 -35.80 -18.99 -5.42
N GLY B 177 -36.08 -17.72 -5.73
CA GLY B 177 -36.64 -16.83 -4.74
C GLY B 177 -35.66 -16.38 -3.69
N ILE B 178 -34.37 -16.31 -4.04
CA ILE B 178 -33.32 -15.91 -3.11
C ILE B 178 -32.97 -14.45 -3.36
N GLU B 179 -33.13 -13.60 -2.34
CA GLU B 179 -32.78 -12.20 -2.48
C GLU B 179 -31.26 -12.05 -2.57
N VAL B 180 -30.81 -11.20 -3.49
CA VAL B 180 -29.39 -11.03 -3.76
C VAL B 180 -29.08 -9.55 -3.93
N ARG B 181 -27.87 -9.17 -3.53
CA ARG B 181 -27.34 -7.83 -3.72
C ARG B 181 -26.17 -7.88 -4.69
N GLU B 182 -25.72 -6.70 -5.10
CA GLU B 182 -24.59 -6.59 -6.03
C GLU B 182 -23.86 -5.29 -5.76
N GLY B 183 -22.56 -5.37 -5.51
CA GLY B 183 -21.79 -4.18 -5.17
C GLY B 183 -20.31 -4.45 -5.26
N VAL B 184 -19.53 -3.44 -4.89
CA VAL B 184 -18.07 -3.47 -5.01
C VAL B 184 -17.48 -3.98 -3.70
N TYR B 185 -16.60 -4.96 -3.80
CA TYR B 185 -15.88 -5.52 -2.67
C TYR B 185 -14.52 -4.85 -2.55
N ALA B 186 -14.07 -4.62 -1.32
CA ALA B 186 -12.77 -4.00 -1.09
C ALA B 186 -11.97 -4.87 -0.14
N MET B 187 -10.76 -5.23 -0.54
CA MET B 187 -9.88 -6.06 0.27
C MET B 187 -8.89 -5.18 1.02
N PHE B 188 -8.88 -5.30 2.34
CA PHE B 188 -7.80 -4.81 3.18
C PHE B 188 -6.91 -5.98 3.56
N SER B 189 -5.67 -5.67 3.93
CA SER B 189 -4.71 -6.73 4.25
C SER B 189 -5.13 -7.51 5.48
N GLY B 190 -5.67 -6.82 6.50
CA GLY B 190 -5.92 -7.44 7.78
C GLY B 190 -4.63 -7.59 8.57
N PRO B 191 -4.67 -8.39 9.65
CA PRO B 191 -5.85 -9.11 10.13
C PRO B 191 -6.72 -8.25 11.04
N THR B 192 -6.32 -7.00 11.26
CA THR B 192 -7.14 -6.09 12.04
C THR B 192 -8.45 -5.79 11.33
N TYR B 193 -9.54 -5.77 12.08
CA TYR B 193 -10.76 -5.21 11.55
C TYR B 193 -10.56 -3.73 11.30
N GLU B 194 -11.23 -3.22 10.27
CA GLU B 194 -11.11 -1.81 9.92
C GLU B 194 -11.54 -0.92 11.07
N THR B 195 -10.97 0.28 11.12
CA THR B 195 -11.42 1.27 12.09
C THR B 195 -12.69 1.94 11.58
N PRO B 196 -13.46 2.59 12.46
CA PRO B 196 -14.62 3.35 11.98
C PRO B 196 -14.27 4.38 10.91
N ALA B 197 -13.08 5.00 11.02
CA ALA B 197 -12.69 5.98 10.01
C ALA B 197 -12.29 5.31 8.70
N GLU B 198 -11.65 4.14 8.78
CA GLU B 198 -11.27 3.43 7.56
C GLU B 198 -12.48 2.89 6.82
N VAL B 199 -13.55 2.53 7.54
CA VAL B 199 -14.77 2.05 6.88
C VAL B 199 -15.46 3.19 6.16
N ARG B 200 -15.56 4.36 6.79
CA ARG B 200 -16.11 5.53 6.11
C ARG B 200 -15.28 5.88 4.88
N MET B 201 -13.98 5.69 4.95
CA MET B 201 -13.11 5.91 3.80
C MET B 201 -13.45 4.92 2.70
N ALA B 202 -13.67 3.67 3.08
CA ALA B 202 -14.03 2.64 2.10
C ALA B 202 -15.32 3.01 1.36
N ARG B 203 -16.30 3.53 2.09
CA ARG B 203 -17.54 3.97 1.44
C ARG B 203 -17.27 5.11 0.47
N ILE B 204 -16.43 6.05 0.86
CA ILE B 204 -16.10 7.18 -0.01
C ILE B 204 -15.41 6.70 -1.29
N LEU B 205 -14.51 5.70 -1.15
CA LEU B 205 -13.81 5.19 -2.32
C LEU B 205 -14.70 4.35 -3.23
N GLY B 206 -15.89 3.98 -2.77
CA GLY B 206 -16.82 3.23 -3.58
C GLY B 206 -17.04 1.77 -3.18
N ALA B 207 -16.62 1.38 -1.98
CA ALA B 207 -16.78 0.00 -1.53
C ALA B 207 -18.15 -0.22 -0.91
N ASP B 208 -18.77 -1.36 -1.24
CA ASP B 208 -19.99 -1.79 -0.57
C ASP B 208 -19.74 -2.83 0.51
N ALA B 209 -18.59 -3.52 0.46
CA ALA B 209 -18.23 -4.49 1.47
C ALA B 209 -16.71 -4.53 1.58
N VAL B 210 -16.21 -4.85 2.77
CA VAL B 210 -14.79 -4.92 3.04
C VAL B 210 -14.44 -6.30 3.56
N GLY B 211 -13.27 -6.80 3.16
CA GLY B 211 -12.81 -8.11 3.56
C GLY B 211 -11.30 -8.19 3.47
N MET B 212 -10.79 -9.41 3.63
CA MET B 212 -9.35 -9.64 3.67
C MET B 212 -8.93 -10.80 2.77
N SER B 213 -9.59 -10.97 1.64
CA SER B 213 -9.28 -12.08 0.75
C SER B 213 -9.86 -11.79 -0.64
N THR B 214 -10.01 -12.85 -1.45
CA THR B 214 -10.70 -12.85 -2.74
C THR B 214 -9.94 -12.12 -3.84
N VAL B 215 -9.55 -10.87 -3.59
CA VAL B 215 -8.92 -10.06 -4.65
C VAL B 215 -7.66 -10.72 -5.21
N PRO B 216 -6.76 -11.31 -4.42
CA PRO B 216 -5.55 -11.90 -5.02
C PRO B 216 -5.84 -13.01 -6.02
N GLU B 217 -6.73 -13.94 -5.68
CA GLU B 217 -7.01 -15.06 -6.57
C GLU B 217 -7.85 -14.65 -7.77
N VAL B 218 -8.69 -13.63 -7.61
CA VAL B 218 -9.44 -13.14 -8.76
C VAL B 218 -8.50 -12.52 -9.78
N ILE B 219 -7.46 -11.83 -9.32
CA ILE B 219 -6.48 -11.24 -10.23
C ILE B 219 -5.76 -12.34 -11.02
N ILE B 220 -5.33 -13.39 -10.33
CA ILE B 220 -4.56 -14.44 -10.99
C ILE B 220 -5.45 -15.29 -11.89
N ALA B 221 -6.70 -15.54 -11.46
CA ALA B 221 -7.61 -16.33 -12.29
C ALA B 221 -7.88 -15.63 -13.62
N ASN B 222 -8.12 -14.32 -13.59
CA ASN B 222 -8.33 -13.58 -14.83
C ASN B 222 -7.08 -13.63 -15.71
N HIS B 223 -5.91 -13.42 -15.10
CA HIS B 223 -4.66 -13.46 -15.88
C HIS B 223 -4.42 -14.84 -16.47
N SER B 224 -4.85 -15.90 -15.78
CA SER B 224 -4.67 -17.25 -16.27
C SER B 224 -5.72 -17.67 -17.29
N GLY B 225 -6.62 -16.75 -17.67
CA GLY B 225 -7.62 -17.05 -18.67
C GLY B 225 -8.91 -17.66 -18.15
N MET B 226 -9.18 -17.56 -16.86
CA MET B 226 -10.40 -18.10 -16.29
C MET B 226 -11.51 -17.04 -16.24
N LYS B 227 -12.75 -17.51 -16.19
CA LYS B 227 -13.88 -16.68 -15.81
C LYS B 227 -14.06 -16.77 -14.30
N VAL B 228 -14.45 -15.66 -13.69
CA VAL B 228 -14.56 -15.56 -12.23
C VAL B 228 -15.97 -15.14 -11.87
N ILE B 229 -16.54 -15.81 -10.88
CA ILE B 229 -17.81 -15.43 -10.29
C ILE B 229 -17.62 -15.37 -8.77
N GLY B 230 -18.03 -14.25 -8.17
CA GLY B 230 -17.83 -14.04 -6.76
C GLY B 230 -19.08 -13.66 -6.00
N VAL B 231 -19.31 -14.31 -4.86
CA VAL B 231 -20.44 -13.99 -3.99
C VAL B 231 -19.91 -13.81 -2.57
N SER B 232 -20.23 -12.68 -1.97
CA SER B 232 -19.78 -12.34 -0.62
C SER B 232 -20.97 -12.35 0.32
N CYS B 233 -20.79 -12.96 1.49
CA CYS B 233 -21.83 -13.04 2.51
C CYS B 233 -21.58 -11.97 3.56
N MET B 234 -22.52 -11.05 3.72
CA MET B 234 -22.42 -10.03 4.75
C MET B 234 -22.67 -10.62 6.14
N THR B 235 -21.59 -10.90 6.86
CA THR B 235 -21.69 -11.49 8.19
C THR B 235 -21.85 -10.44 9.29
N ASN B 236 -21.66 -9.16 8.98
CA ASN B 236 -21.74 -8.10 9.98
C ASN B 236 -21.76 -6.76 9.27
N MET B 237 -22.31 -5.76 9.96
CA MET B 237 -22.16 -4.37 9.53
C MET B 237 -20.68 -4.00 9.70
N ALA B 238 -20.16 -3.18 8.79
CA ALA B 238 -18.77 -2.74 8.91
C ALA B 238 -18.57 -1.99 10.23
N ALA B 239 -17.29 -1.86 10.61
CA ALA B 239 -16.96 -1.54 12.00
C ALA B 239 -17.52 -0.19 12.45
N GLY B 240 -17.69 0.76 11.54
CA GLY B 240 -18.12 2.08 11.97
C GLY B 240 -19.62 2.30 12.12
N ILE B 241 -20.44 1.35 11.66
CA ILE B 241 -21.86 1.63 11.45
C ILE B 241 -22.69 1.38 12.71
N LEU B 242 -22.37 0.36 13.48
CA LEU B 242 -23.08 0.08 14.72
C LEU B 242 -22.16 0.28 15.92
N GLU B 243 -22.78 0.38 17.10
CA GLU B 243 -22.08 0.74 18.32
C GLU B 243 -21.40 -0.44 19.00
N GLN B 244 -21.66 -1.68 18.53
CA GLN B 244 -21.15 -2.94 19.03
C GLN B 244 -19.81 -3.28 18.38
N PRO B 245 -18.93 -3.99 19.08
CA PRO B 245 -17.63 -4.32 18.51
C PRO B 245 -17.66 -5.54 17.60
N LEU B 246 -16.77 -5.54 16.62
CA LEU B 246 -16.69 -6.65 15.68
C LEU B 246 -15.97 -7.82 16.35
N ASN B 247 -16.39 -9.03 15.98
CA ASN B 247 -15.91 -10.23 16.64
C ASN B 247 -16.06 -11.40 15.68
N HIS B 248 -15.03 -12.25 15.60
CA HIS B 248 -15.02 -13.31 14.60
C HIS B 248 -16.03 -14.42 14.92
N GLU B 249 -16.30 -14.67 16.20
CA GLU B 249 -17.34 -15.63 16.55
C GLU B 249 -18.70 -15.19 16.02
N GLU B 250 -18.95 -13.88 16.01
CA GLU B 250 -20.16 -13.35 15.38
C GLU B 250 -20.14 -13.58 13.87
N VAL B 251 -18.98 -13.49 13.23
CA VAL B 251 -18.90 -13.64 11.75
C VAL B 251 -19.32 -15.05 11.36
N MET B 252 -18.69 -16.06 11.94
CA MET B 252 -19.04 -17.47 11.64
C MET B 252 -20.52 -17.72 11.93
N GLU B 253 -21.04 -17.15 13.01
CA GLU B 253 -22.44 -17.38 13.41
C GLU B 253 -23.38 -16.88 12.31
N THR B 254 -23.23 -15.63 11.90
CA THR B 254 -24.09 -15.13 10.84
C THR B 254 -23.88 -15.92 9.56
N SER B 255 -22.64 -16.29 9.26
CA SER B 255 -22.37 -17.13 8.09
C SER B 255 -23.09 -18.47 8.19
N ALA B 256 -23.20 -19.02 9.40
CA ALA B 256 -23.88 -20.30 9.58
C ALA B 256 -25.39 -20.15 9.47
N LYS B 257 -25.93 -18.97 9.75
CA LYS B 257 -27.39 -18.79 9.72
C LYS B 257 -27.91 -18.87 8.29
N VAL B 258 -27.28 -18.15 7.37
CA VAL B 258 -27.75 -18.04 6.00
C VAL B 258 -27.03 -19.07 5.13
N ARG B 259 -26.33 -20.00 5.79
CA ARG B 259 -25.48 -20.94 5.07
C ARG B 259 -26.27 -21.80 4.09
N LYS B 260 -27.44 -22.28 4.51
CA LYS B 260 -28.20 -23.21 3.68
C LYS B 260 -28.65 -22.55 2.38
N THR B 261 -29.11 -21.30 2.46
CA THR B 261 -29.49 -20.57 1.25
C THR B 261 -28.29 -20.35 0.34
N PHE B 262 -27.13 -20.03 0.92
CA PHE B 262 -25.91 -19.87 0.15
C PHE B 262 -25.53 -21.15 -0.57
N ILE B 263 -25.63 -22.29 0.12
CA ILE B 263 -25.32 -23.57 -0.51
C ILE B 263 -26.27 -23.85 -1.66
N GLU B 264 -27.56 -23.54 -1.47
CA GLU B 264 -28.54 -23.79 -2.52
C GLU B 264 -28.28 -22.92 -3.75
N LEU B 265 -27.95 -21.65 -3.54
CA LEU B 265 -27.60 -20.78 -4.66
C LEU B 265 -26.36 -21.28 -5.38
N MET B 266 -25.35 -21.72 -4.62
CA MET B 266 -24.09 -22.15 -5.23
C MET B 266 -24.19 -23.55 -5.85
N THR B 267 -25.08 -24.39 -5.34
CA THR B 267 -25.28 -25.70 -5.96
C THR B 267 -25.98 -25.56 -7.31
N ASN B 268 -26.89 -24.59 -7.44
CA ASN B 268 -27.66 -24.44 -8.67
C ASN B 268 -26.82 -23.81 -9.78
N ILE B 269 -25.93 -22.88 -9.44
CA ILE B 269 -25.12 -22.23 -10.48
C ILE B 269 -24.15 -23.23 -11.09
N ILE B 270 -23.53 -24.08 -10.26
CA ILE B 270 -22.58 -25.04 -10.79
C ILE B 270 -23.27 -26.06 -11.70
N LYS B 271 -24.52 -26.40 -11.40
CA LYS B 271 -25.27 -27.27 -12.31
C LYS B 271 -25.55 -26.58 -13.65
N GLU B 272 -25.66 -25.25 -13.65
CA GLU B 272 -26.08 -24.50 -14.82
C GLU B 272 -24.95 -23.76 -15.51
N ILE B 273 -23.72 -23.83 -15.00
CA ILE B 273 -22.61 -23.10 -15.62
C ILE B 273 -22.32 -23.68 -17.00
N SER C 1 16.69 -18.99 14.98
CA SER C 1 15.81 -20.13 15.29
C SER C 1 14.88 -19.77 16.45
N MET C 2 15.23 -18.74 17.23
CA MET C 2 14.31 -18.26 18.29
C MET C 2 13.19 -17.47 17.61
N ASP C 3 11.96 -17.90 17.84
CA ASP C 3 10.79 -17.25 17.20
C ASP C 3 10.56 -15.86 17.78
N LEU C 4 9.72 -15.09 17.12
CA LEU C 4 9.41 -13.76 17.62
C LEU C 4 8.87 -13.81 19.05
N SER C 5 8.05 -14.81 19.35
CA SER C 5 7.43 -14.91 20.66
C SER C 5 8.47 -15.01 21.78
N ASN C 6 9.53 -15.79 21.55
CA ASN C 6 10.56 -15.94 22.58
C ASN C 6 11.57 -14.82 22.56
N LYS C 7 11.77 -14.15 21.42
CA LYS C 7 12.61 -12.95 21.40
C LYS C 7 12.04 -11.87 22.31
N ILE C 8 10.72 -11.66 22.26
CA ILE C 8 10.08 -10.71 23.16
C ILE C 8 10.19 -11.15 24.60
N LYS C 9 10.04 -12.46 24.85
CA LYS C 9 10.17 -12.98 26.21
C LYS C 9 11.56 -12.71 26.78
N ALA C 10 12.60 -12.90 25.96
CA ALA C 10 13.96 -12.68 26.43
C ALA C 10 14.22 -11.21 26.72
N ALA C 11 13.64 -10.30 25.94
CA ALA C 11 13.78 -8.88 26.22
C ALA C 11 13.11 -8.54 27.55
N ALA C 12 11.89 -9.03 27.76
CA ALA C 12 11.22 -8.80 29.04
C ALA C 12 11.96 -9.46 30.19
N GLU C 13 12.47 -10.68 29.97
CA GLU C 13 13.24 -11.37 30.99
C GLU C 13 14.47 -10.56 31.41
N TYR C 14 15.14 -9.94 30.43
CA TYR C 14 16.34 -9.16 30.73
C TYR C 14 16.00 -7.92 31.56
N ILE C 15 14.95 -7.20 31.16
CA ILE C 15 14.58 -5.98 31.88
C ILE C 15 14.02 -6.33 33.26
N LYS C 16 13.17 -7.36 33.33
CA LYS C 16 12.51 -7.71 34.58
C LYS C 16 13.51 -8.05 35.67
N GLY C 17 14.46 -8.95 35.37
CA GLY C 17 15.47 -9.34 36.33
C GLY C 17 16.37 -8.22 36.79
N LYS C 18 16.37 -7.09 36.08
CA LYS C 18 17.18 -5.93 36.43
C LYS C 18 16.32 -4.74 36.87
N SER C 19 15.06 -4.96 37.18
CA SER C 19 14.15 -3.89 37.53
C SER C 19 13.36 -4.23 38.79
N LYS C 20 13.19 -3.23 39.65
CA LYS C 20 12.35 -3.33 40.82
C LYS C 20 10.94 -2.80 40.58
N TYR C 21 10.60 -2.52 39.32
CA TYR C 21 9.38 -1.81 38.95
C TYR C 21 8.45 -2.72 38.16
N ASN C 22 7.15 -2.44 38.28
CA ASN C 22 6.11 -3.06 37.45
C ASN C 22 5.26 -1.93 36.88
N PRO C 23 5.74 -1.26 35.84
CA PRO C 23 5.02 -0.10 35.32
C PRO C 23 3.66 -0.47 34.74
N THR C 24 2.71 0.45 34.88
CA THR C 24 1.37 0.25 34.35
C THR C 24 1.06 1.17 33.18
N ILE C 25 1.85 2.21 32.94
CA ILE C 25 1.62 3.17 31.87
C ILE C 25 2.87 3.22 31.00
N GLY C 26 2.68 3.05 29.69
CA GLY C 26 3.77 3.15 28.73
C GLY C 26 3.73 4.49 28.01
N LEU C 27 4.92 5.04 27.75
CA LEU C 27 5.05 6.36 27.14
C LEU C 27 5.94 6.24 25.90
N ILE C 28 5.35 6.43 24.73
CA ILE C 28 6.11 6.56 23.49
C ILE C 28 6.12 8.04 23.15
N LEU C 29 7.14 8.74 23.63
CA LEU C 29 7.26 10.18 23.43
C LEU C 29 8.09 10.46 22.18
N GLY C 30 7.73 11.52 21.46
CA GLY C 30 8.37 11.83 20.20
C GLY C 30 8.20 13.26 19.74
N SER C 31 7.17 13.94 20.24
CA SER C 31 6.95 15.35 19.94
C SER C 31 7.91 16.22 20.76
N GLY C 32 9.20 15.98 20.54
CA GLY C 32 10.20 16.41 21.48
C GLY C 32 10.00 15.63 22.77
N LEU C 33 9.40 16.27 23.77
CA LEU C 33 8.89 15.64 24.98
C LEU C 33 9.84 14.63 25.61
N GLY C 34 11.13 14.72 25.29
CA GLY C 34 12.11 13.93 26.02
C GLY C 34 12.28 14.36 27.46
N ALA C 35 11.82 15.56 27.79
CA ALA C 35 11.92 16.04 29.17
C ALA C 35 11.02 15.24 30.10
N ILE C 36 9.90 14.71 29.59
CA ILE C 36 9.04 13.86 30.39
C ILE C 36 9.83 12.70 30.97
N ALA C 37 10.62 12.04 30.12
CA ALA C 37 11.44 10.93 30.59
C ALA C 37 12.59 11.41 31.48
N ASP C 38 13.06 12.64 31.28
CA ASP C 38 14.09 13.18 32.15
C ASP C 38 13.57 13.38 33.57
N GLN C 39 12.29 13.68 33.72
CA GLN C 39 11.68 13.92 35.02
C GLN C 39 11.19 12.65 35.69
N ILE C 40 11.50 11.49 35.14
CA ILE C 40 11.23 10.22 35.81
C ILE C 40 12.30 10.01 36.87
N GLU C 41 11.87 9.86 38.12
CA GLU C 41 12.79 9.82 39.25
C GLU C 41 13.01 8.39 39.72
N ASP C 42 14.11 8.20 40.45
CA ASP C 42 14.58 6.87 40.85
C ASP C 42 14.61 5.94 39.65
N ALA C 43 15.05 6.47 38.52
CA ALA C 43 14.83 5.85 37.23
C ALA C 43 15.92 4.83 36.91
N GLU C 44 15.53 3.82 36.14
CA GLU C 44 16.43 2.80 35.63
C GLU C 44 16.53 2.93 34.12
N TYR C 45 17.75 2.93 33.59
CA TYR C 45 17.99 3.16 32.18
C TYR C 45 18.35 1.85 31.48
N PHE C 46 17.65 1.56 30.39
CA PHE C 46 17.89 0.36 29.58
C PHE C 46 18.16 0.77 28.14
N PRO C 47 19.43 0.91 27.74
CA PRO C 47 19.72 1.28 26.35
C PRO C 47 19.24 0.21 25.38
N TYR C 48 18.78 0.66 24.21
CA TYR C 48 18.22 -0.26 23.22
C TYR C 48 19.25 -1.30 22.80
N ASN C 49 20.50 -0.88 22.60
CA ASN C 49 21.54 -1.80 22.12
C ASN C 49 22.03 -2.76 23.19
N GLU C 50 21.38 -2.79 24.35
CA GLU C 50 21.69 -3.76 25.40
C GLU C 50 20.53 -4.68 25.74
N ILE C 51 19.32 -4.34 25.32
CA ILE C 51 18.18 -5.23 25.50
C ILE C 51 18.21 -6.27 24.39
N PRO C 52 18.22 -7.55 24.72
CA PRO C 52 18.37 -8.58 23.68
C PRO C 52 17.20 -8.60 22.72
N ASN C 53 17.53 -8.69 21.43
CA ASN C 53 16.60 -8.82 20.30
C ASN C 53 15.88 -7.52 19.95
N PHE C 54 16.23 -6.41 20.59
CA PHE C 54 15.68 -5.13 20.19
C PHE C 54 16.21 -4.74 18.81
N PRO C 55 15.44 -3.95 18.05
CA PRO C 55 15.92 -3.51 16.74
C PRO C 55 17.20 -2.69 16.88
N VAL C 56 18.06 -2.79 15.86
CA VAL C 56 19.38 -2.19 15.88
C VAL C 56 19.28 -0.74 15.40
N SER C 57 20.05 0.14 16.04
CA SER C 57 20.10 1.55 15.64
C SER C 57 21.23 1.74 14.63
N THR C 58 20.91 2.42 13.53
CA THR C 58 21.85 2.67 12.43
C THR C 58 22.69 1.44 12.07
N GLY C 64 19.00 5.67 21.80
CA GLY C 64 17.70 5.38 22.40
C GLY C 64 17.81 4.48 23.62
N ARG C 65 16.81 4.56 24.49
CA ARG C 65 16.83 3.80 25.74
C ARG C 65 15.44 3.77 26.34
N LEU C 66 15.21 2.76 27.18
CA LEU C 66 14.02 2.69 28.00
C LEU C 66 14.30 3.33 29.35
N VAL C 67 13.35 4.12 29.83
CA VAL C 67 13.43 4.75 31.15
C VAL C 67 12.24 4.28 31.95
N ILE C 68 12.51 3.66 33.10
CA ILE C 68 11.49 3.12 33.99
C ILE C 68 11.66 3.76 35.36
N GLY C 69 10.56 4.16 35.99
CA GLY C 69 10.63 4.75 37.30
C GLY C 69 9.33 5.43 37.68
N LYS C 70 9.43 6.34 38.64
CA LYS C 70 8.27 7.01 39.22
C LYS C 70 7.94 8.28 38.44
N PHE C 71 6.65 8.53 38.26
CA PHE C 71 6.20 9.76 37.61
C PHE C 71 4.77 10.06 38.08
N GLN C 72 4.63 11.19 38.78
CA GLN C 72 3.32 11.70 39.20
C GLN C 72 2.48 10.62 39.87
N GLY C 73 3.12 9.89 40.79
CA GLY C 73 2.47 8.82 41.52
C GLY C 73 2.34 7.52 40.77
N LYS C 74 2.78 7.45 39.52
CA LYS C 74 2.67 6.25 38.71
C LYS C 74 4.04 5.62 38.50
N GLU C 75 4.03 4.34 38.20
CA GLU C 75 5.21 3.63 37.70
C GLU C 75 5.08 3.50 36.19
N VAL C 76 6.02 4.10 35.46
CA VAL C 76 5.93 4.18 34.01
C VAL C 76 7.22 3.66 33.38
N VAL C 77 7.11 3.29 32.11
CA VAL C 77 8.26 2.99 31.26
C VAL C 77 8.14 3.85 30.01
N ALA C 78 9.17 4.66 29.75
CA ALA C 78 9.15 5.62 28.66
C ALA C 78 10.08 5.17 27.53
N MET C 79 9.62 5.32 26.30
CA MET C 79 10.44 5.09 25.11
C MET C 79 11.04 6.43 24.70
N GLN C 80 12.34 6.60 24.94
CA GLN C 80 13.05 7.82 24.56
C GLN C 80 13.67 7.59 23.18
N GLY C 81 12.93 7.96 22.15
CA GLY C 81 13.35 7.70 20.78
C GLY C 81 12.72 6.42 20.26
N ARG C 82 11.87 6.53 19.25
CA ARG C 82 11.16 5.38 18.71
C ARG C 82 11.78 4.92 17.41
N PHE C 83 11.31 3.77 16.93
CA PHE C 83 11.75 3.20 15.66
C PHE C 83 10.69 3.48 14.60
N HIS C 84 11.11 4.01 13.46
CA HIS C 84 10.21 4.46 12.42
C HIS C 84 10.24 3.50 11.23
N TYR C 85 9.08 3.39 10.57
CA TYR C 85 8.97 2.52 9.40
C TYR C 85 9.76 3.06 8.21
N TYR C 86 9.90 4.39 8.12
CA TYR C 86 10.59 4.97 6.97
C TYR C 86 12.09 4.71 7.00
N GLU C 87 12.64 4.31 8.15
CA GLU C 87 14.07 4.04 8.25
C GLU C 87 14.45 2.66 7.72
N GLY C 88 13.49 1.80 7.45
CA GLY C 88 13.76 0.47 6.93
C GLY C 88 13.38 -0.66 7.87
N TYR C 89 13.02 -0.37 9.12
CA TYR C 89 12.58 -1.42 10.02
C TYR C 89 11.28 -2.04 9.53
N SER C 90 11.13 -3.34 9.77
CA SER C 90 9.86 -3.99 9.50
C SER C 90 8.82 -3.55 10.52
N MET C 91 7.55 -3.81 10.19
CA MET C 91 6.47 -3.46 11.11
C MET C 91 6.61 -4.16 12.45
N GLN C 92 7.25 -5.34 12.46
CA GLN C 92 7.46 -6.07 13.72
C GLN C 92 8.63 -5.51 14.52
N GLU C 93 9.67 -5.02 13.85
CA GLU C 93 10.75 -4.33 14.55
C GLU C 93 10.26 -3.02 15.16
N VAL C 94 9.36 -2.34 14.46
CA VAL C 94 8.87 -1.04 14.92
C VAL C 94 8.05 -1.19 16.20
N THR C 95 7.26 -2.27 16.30
CA THR C 95 6.31 -2.43 17.39
C THR C 95 6.78 -3.40 18.46
N CYS C 96 7.92 -4.07 18.27
CA CYS C 96 8.43 -5.00 19.27
C CYS C 96 8.53 -4.43 20.68
N PRO C 97 8.95 -3.17 20.89
CA PRO C 97 8.96 -2.64 22.27
C PRO C 97 7.59 -2.61 22.93
N VAL C 98 6.51 -2.47 22.15
CA VAL C 98 5.18 -2.46 22.76
C VAL C 98 4.84 -3.82 23.32
N ARG C 99 5.19 -4.90 22.60
CA ARG C 99 5.04 -6.24 23.13
C ARG C 99 5.84 -6.40 24.42
N VAL C 100 7.04 -5.84 24.47
CA VAL C 100 7.86 -5.92 25.66
C VAL C 100 7.25 -5.10 26.79
N MET C 101 6.73 -3.91 26.47
CA MET C 101 6.10 -3.07 27.48
C MET C 101 4.91 -3.78 28.11
N ARG C 102 4.16 -4.56 27.32
CA ARG C 102 3.03 -5.31 27.86
C ARG C 102 3.49 -6.34 28.89
N LEU C 103 4.55 -7.09 28.57
CA LEU C 103 5.07 -8.08 29.51
C LEU C 103 5.62 -7.44 30.78
N LEU C 104 6.03 -6.18 30.73
CA LEU C 104 6.41 -5.45 31.94
C LEU C 104 5.22 -4.98 32.74
N GLY C 105 4.00 -5.30 32.30
CA GLY C 105 2.80 -4.98 33.05
C GLY C 105 2.07 -3.71 32.62
N VAL C 106 2.43 -3.12 31.48
CA VAL C 106 1.80 -1.89 31.05
C VAL C 106 0.34 -2.16 30.70
N GLU C 107 -0.56 -1.31 31.23
CA GLU C 107 -1.98 -1.42 30.93
C GLU C 107 -2.49 -0.31 30.02
N THR C 108 -1.87 0.87 30.05
CA THR C 108 -2.32 2.01 29.26
C THR C 108 -1.12 2.62 28.53
N LEU C 109 -1.32 2.94 27.25
CA LEU C 109 -0.27 3.50 26.41
C LEU C 109 -0.60 4.95 26.07
N VAL C 110 0.38 5.82 26.25
CA VAL C 110 0.26 7.23 25.88
C VAL C 110 1.24 7.48 24.75
N VAL C 111 0.72 7.77 23.57
CA VAL C 111 1.53 8.00 22.36
C VAL C 111 1.38 9.45 21.96
N THR C 112 2.50 10.15 21.85
CA THR C 112 2.56 11.49 21.29
C THR C 112 3.35 11.44 19.98
N ASN C 113 3.14 12.46 19.14
CA ASN C 113 3.87 12.57 17.89
C ASN C 113 3.76 14.00 17.38
N ALA C 114 4.34 14.23 16.20
CA ALA C 114 4.26 15.48 15.48
C ALA C 114 3.66 15.21 14.11
N ALA C 115 2.63 15.94 13.75
CA ALA C 115 1.92 15.69 12.50
C ALA C 115 1.62 17.00 11.80
N GLY C 116 1.35 16.90 10.49
CA GLY C 116 0.95 18.05 9.71
C GLY C 116 -0.57 18.19 9.70
N ALA C 117 -1.04 19.42 9.91
CA ALA C 117 -2.46 19.68 10.06
C ALA C 117 -3.14 19.73 8.70
N VAL C 118 -4.04 18.79 8.46
CA VAL C 118 -4.81 18.77 7.21
C VAL C 118 -6.06 19.64 7.33
N ASN C 119 -6.68 19.63 8.51
CA ASN C 119 -7.84 20.49 8.75
C ASN C 119 -7.41 21.95 8.76
N LYS C 120 -8.03 22.76 7.91
CA LYS C 120 -7.67 24.16 7.81
C LYS C 120 -8.14 24.98 9.01
N ASP C 121 -8.91 24.38 9.93
CA ASP C 121 -9.27 25.07 11.16
C ASP C 121 -8.09 25.17 12.11
N TYR C 122 -7.19 24.19 12.08
CA TYR C 122 -6.06 24.19 13.01
C TYR C 122 -5.03 25.24 12.60
N THR C 123 -4.24 25.65 13.58
CA THR C 123 -3.07 26.49 13.39
C THR C 123 -1.85 25.78 13.97
N PRO C 124 -0.66 26.01 13.43
CA PRO C 124 0.53 25.33 13.95
C PRO C 124 0.73 25.59 15.43
N GLY C 125 1.06 24.53 16.17
CA GLY C 125 1.19 24.58 17.61
C GLY C 125 0.04 23.95 18.37
N ASP C 126 -1.11 23.75 17.72
CA ASP C 126 -2.26 23.16 18.37
C ASP C 126 -1.99 21.71 18.77
N LEU C 127 -2.77 21.22 19.73
CA LEU C 127 -2.73 19.84 20.17
C LEU C 127 -4.04 19.16 19.80
N MET C 128 -3.94 18.01 19.14
CA MET C 128 -5.11 17.27 18.67
C MET C 128 -5.15 15.91 19.33
N ILE C 129 -6.23 15.63 20.06
CA ILE C 129 -6.49 14.28 20.54
C ILE C 129 -6.87 13.41 19.35
N ILE C 130 -6.25 12.24 19.25
CA ILE C 130 -6.52 11.31 18.16
C ILE C 130 -7.73 10.47 18.55
N SER C 131 -8.81 10.61 17.78
CA SER C 131 -10.02 9.83 18.02
C SER C 131 -10.12 8.58 17.15
N ASP C 132 -9.36 8.53 16.06
CA ASP C 132 -9.31 7.37 15.16
C ASP C 132 -8.14 7.61 14.20
N HIS C 133 -7.85 6.60 13.39
CA HIS C 133 -6.75 6.75 12.44
C HIS C 133 -7.06 6.03 11.14
N LEU C 134 -6.30 6.38 10.12
CA LEU C 134 -6.30 5.71 8.82
C LEU C 134 -4.89 5.18 8.57
N ASN C 135 -4.80 3.91 8.17
CA ASN C 135 -3.52 3.27 7.86
C ASN C 135 -3.30 3.35 6.36
N LEU C 136 -2.53 4.35 5.93
CA LEU C 136 -2.18 4.53 4.52
C LEU C 136 -0.71 4.21 4.27
N SER C 137 -0.10 3.39 5.14
CA SER C 137 1.32 3.08 4.99
C SER C 137 1.58 1.97 4.00
N GLY C 138 0.64 1.03 3.86
CA GLY C 138 0.82 -0.12 3.00
C GLY C 138 1.22 -1.39 3.72
N SER C 139 1.31 -1.38 5.04
CA SER C 139 1.68 -2.56 5.82
C SER C 139 0.86 -2.59 7.10
N ASN C 140 1.02 -3.68 7.86
CA ASN C 140 0.27 -3.92 9.08
C ASN C 140 1.16 -4.72 10.03
N PRO C 141 1.34 -4.27 11.28
CA PRO C 141 2.25 -4.98 12.19
C PRO C 141 1.75 -6.33 12.66
N LEU C 142 0.52 -6.71 12.37
CA LEU C 142 -0.03 -7.98 12.80
C LEU C 142 0.00 -9.05 11.71
N ILE C 143 0.43 -8.69 10.49
CA ILE C 143 0.55 -9.67 9.43
C ILE C 143 1.65 -10.66 9.80
N GLY C 144 1.33 -11.94 9.73
CA GLY C 144 2.20 -13.02 10.16
C GLY C 144 1.44 -13.96 11.08
N LYS C 145 2.19 -14.85 11.71
CA LYS C 145 1.58 -15.76 12.68
C LYS C 145 1.09 -14.98 13.89
N ASN C 146 -0.13 -15.27 14.32
CA ASN C 146 -0.68 -14.61 15.50
C ASN C 146 0.05 -15.07 16.75
N LEU C 147 0.35 -14.12 17.63
CA LEU C 147 0.92 -14.43 18.95
C LEU C 147 -0.24 -14.60 19.91
N ASN C 148 -0.56 -15.86 20.22
CA ASN C 148 -1.75 -16.16 21.02
C ASN C 148 -1.63 -15.65 22.45
N GLU C 149 -0.41 -15.52 22.97
CA GLU C 149 -0.22 -15.09 24.35
C GLU C 149 -0.54 -13.61 24.55
N PHE C 150 -0.75 -12.84 23.48
CA PHE C 150 -1.02 -11.41 23.58
C PHE C 150 -2.45 -11.03 23.23
N GLY C 151 -3.01 -11.58 22.15
CA GLY C 151 -4.33 -11.19 21.74
C GLY C 151 -4.92 -12.15 20.73
N THR C 152 -6.02 -11.73 20.13
CA THR C 152 -6.78 -12.56 19.21
C THR C 152 -6.33 -12.34 17.77
N ARG C 153 -6.74 -13.26 16.89
CA ARG C 153 -6.31 -13.21 15.50
C ARG C 153 -6.87 -12.01 14.76
N PHE C 154 -8.16 -11.72 14.94
CA PHE C 154 -8.82 -10.58 14.32
C PHE C 154 -9.24 -9.59 15.38
N PRO C 155 -8.36 -8.68 15.80
CA PRO C 155 -8.73 -7.73 16.86
C PRO C 155 -9.65 -6.64 16.35
N ASP C 156 -10.63 -6.29 17.17
CA ASP C 156 -11.52 -5.20 16.84
C ASP C 156 -10.82 -3.86 17.02
N MET C 157 -11.17 -2.90 16.17
CA MET C 157 -10.55 -1.59 16.19
C MET C 157 -11.58 -0.47 16.30
N SER C 158 -12.75 -0.78 16.87
CA SER C 158 -13.80 0.21 17.06
C SER C 158 -13.50 1.19 18.18
N ASN C 159 -12.65 0.81 19.13
CA ASN C 159 -12.24 1.66 20.24
C ASN C 159 -10.71 1.70 20.33
N ALA C 160 -10.07 1.99 19.20
CA ALA C 160 -8.60 1.99 19.15
C ALA C 160 -8.01 3.04 20.08
N TYR C 161 -8.66 4.19 20.21
CA TYR C 161 -8.28 5.24 21.15
C TYR C 161 -9.44 5.38 22.13
N ASP C 162 -9.21 4.91 23.37
CA ASP C 162 -10.29 4.74 24.34
C ASP C 162 -11.12 6.01 24.50
N LYS C 163 -12.44 5.85 24.34
CA LYS C 163 -13.34 6.99 24.39
C LYS C 163 -13.42 7.59 25.80
N ASP C 164 -13.53 6.73 26.82
CA ASP C 164 -13.57 7.24 28.18
C ASP C 164 -12.29 7.98 28.55
N LEU C 165 -11.15 7.46 28.10
CA LEU C 165 -9.88 8.14 28.34
C LEU C 165 -9.81 9.47 27.58
N ARG C 166 -10.31 9.48 26.34
CA ARG C 166 -10.32 10.71 25.56
C ARG C 166 -11.10 11.81 26.25
N ALA C 167 -12.27 11.47 26.82
CA ALA C 167 -13.06 12.46 27.54
C ALA C 167 -12.30 12.97 28.77
N GLN C 168 -11.50 12.11 29.40
CA GLN C 168 -10.73 12.53 30.56
C GLN C 168 -9.64 13.52 30.18
N VAL C 169 -9.04 13.37 29.00
CA VAL C 169 -8.08 14.36 28.53
C VAL C 169 -8.77 15.70 28.33
N LYS C 170 -9.98 15.67 27.76
CA LYS C 170 -10.70 16.91 27.48
C LYS C 170 -11.12 17.60 28.78
N ASP C 171 -11.46 16.83 29.80
CA ASP C 171 -11.74 17.41 31.11
C ASP C 171 -10.47 18.00 31.72
N ILE C 172 -9.35 17.29 31.60
CA ILE C 172 -8.09 17.79 32.16
C ILE C 172 -7.62 19.02 31.39
N ALA C 173 -7.80 19.02 30.06
CA ALA C 173 -7.42 20.19 29.27
C ALA C 173 -8.30 21.39 29.57
N LYS C 174 -9.57 21.17 29.95
CA LYS C 174 -10.44 22.28 30.27
C LYS C 174 -10.08 22.91 31.60
N ASN C 175 -9.83 22.08 32.62
CA ASN C 175 -9.44 22.61 33.93
C ASN C 175 -8.07 23.28 33.87
N LEU C 176 -7.22 22.87 32.93
CA LEU C 176 -5.92 23.50 32.74
C LEU C 176 -5.97 24.73 31.85
N GLY C 177 -7.06 24.92 31.10
CA GLY C 177 -7.13 26.02 30.17
C GLY C 177 -6.30 25.83 28.91
N ILE C 178 -6.10 24.58 28.49
CA ILE C 178 -5.30 24.27 27.31
C ILE C 178 -6.25 23.96 26.16
N GLU C 179 -6.09 24.70 25.06
CA GLU C 179 -6.90 24.45 23.87
C GLU C 179 -6.56 23.09 23.27
N VAL C 180 -7.59 22.39 22.82
CA VAL C 180 -7.44 21.01 22.35
C VAL C 180 -8.38 20.77 21.17
N ARG C 181 -7.85 20.19 20.10
CA ARG C 181 -8.65 19.69 18.99
C ARG C 181 -8.80 18.18 19.11
N GLU C 182 -9.69 17.63 18.29
CA GLU C 182 -9.90 16.19 18.26
C GLU C 182 -10.22 15.78 16.84
N GLY C 183 -9.49 14.80 16.32
CA GLY C 183 -9.67 14.43 14.92
C GLY C 183 -8.95 13.14 14.59
N VAL C 184 -8.94 12.83 13.28
CA VAL C 184 -8.42 11.58 12.76
C VAL C 184 -6.99 11.78 12.27
N TYR C 185 -6.14 10.81 12.57
CA TYR C 185 -4.73 10.85 12.20
C TYR C 185 -4.50 9.87 11.06
N ALA C 186 -3.86 10.33 9.98
CA ALA C 186 -3.52 9.48 8.85
C ALA C 186 -2.02 9.24 8.85
N MET C 187 -1.62 7.98 8.72
CA MET C 187 -0.21 7.61 8.69
C MET C 187 0.19 7.29 7.26
N PHE C 188 1.07 8.10 6.70
CA PHE C 188 1.80 7.74 5.49
C PHE C 188 3.09 7.04 5.87
N SER C 189 3.71 6.40 4.88
CA SER C 189 4.96 5.69 5.17
C SER C 189 6.11 6.66 5.40
N GLY C 190 6.24 7.66 4.54
CA GLY C 190 7.40 8.52 4.56
C GLY C 190 8.52 7.88 3.77
N PRO C 191 9.73 8.48 3.84
CA PRO C 191 10.04 9.67 4.63
C PRO C 191 9.76 10.97 3.91
N THR C 192 9.27 10.90 2.67
CA THR C 192 8.90 12.11 1.96
C THR C 192 7.73 12.79 2.64
N TYR C 193 7.77 14.12 2.67
CA TYR C 193 6.56 14.86 3.00
C TYR C 193 5.54 14.67 1.89
N GLU C 194 4.26 14.72 2.26
CA GLU C 194 3.21 14.45 1.29
C GLU C 194 3.18 15.53 0.22
N THR C 195 2.65 15.17 -0.96
CA THR C 195 2.43 16.15 -1.99
C THR C 195 1.11 16.88 -1.72
N PRO C 196 0.96 18.11 -2.25
CA PRO C 196 -0.31 18.81 -2.07
C PRO C 196 -1.51 18.02 -2.56
N ALA C 197 -1.35 17.21 -3.60
CA ALA C 197 -2.44 16.33 -4.04
C ALA C 197 -2.73 15.25 -3.01
N GLU C 198 -1.69 14.63 -2.44
CA GLU C 198 -1.89 13.60 -1.43
C GLU C 198 -2.49 14.17 -0.16
N VAL C 199 -2.23 15.45 0.14
CA VAL C 199 -2.88 16.09 1.26
C VAL C 199 -4.35 16.33 0.96
N ARG C 200 -4.66 16.84 -0.24
CA ARG C 200 -6.05 16.99 -0.64
C ARG C 200 -6.77 15.65 -0.62
N MET C 201 -6.08 14.58 -0.99
CA MET C 201 -6.62 13.24 -0.94
C MET C 201 -6.89 12.82 0.50
N ALA C 202 -5.92 13.11 1.38
CA ALA C 202 -6.06 12.74 2.79
C ALA C 202 -7.30 13.37 3.41
N ARG C 203 -7.56 14.64 3.11
CA ARG C 203 -8.75 15.31 3.64
C ARG C 203 -10.02 14.66 3.09
N ILE C 204 -10.05 14.37 1.79
CA ILE C 204 -11.18 13.67 1.18
C ILE C 204 -11.42 12.33 1.86
N LEU C 205 -10.35 11.68 2.32
CA LEU C 205 -10.43 10.41 3.03
C LEU C 205 -10.92 10.56 4.47
N GLY C 206 -10.99 11.78 4.99
CA GLY C 206 -11.48 12.03 6.32
C GLY C 206 -10.42 12.26 7.37
N ALA C 207 -9.18 12.54 6.97
CA ALA C 207 -8.08 12.74 7.91
C ALA C 207 -7.97 14.20 8.32
N ASP C 208 -7.63 14.43 9.59
CA ASP C 208 -7.36 15.78 10.08
C ASP C 208 -5.87 16.06 10.23
N ALA C 209 -5.04 15.02 10.35
CA ALA C 209 -3.60 15.19 10.46
C ALA C 209 -2.91 14.05 9.73
N VAL C 210 -1.69 14.32 9.27
CA VAL C 210 -0.89 13.35 8.53
C VAL C 210 0.46 13.21 9.23
N GLY C 211 0.87 11.96 9.48
CA GLY C 211 2.14 11.69 10.12
C GLY C 211 2.80 10.43 9.61
N MET C 212 3.90 10.01 10.24
CA MET C 212 4.70 8.88 9.78
C MET C 212 4.82 7.79 10.85
N SER C 213 3.99 7.80 11.88
CA SER C 213 4.18 6.87 12.99
C SER C 213 2.85 6.66 13.70
N THR C 214 2.92 6.25 14.97
CA THR C 214 1.78 6.10 15.87
C THR C 214 0.85 4.94 15.50
N VAL C 215 0.45 4.84 14.23
CA VAL C 215 -0.49 3.79 13.82
C VAL C 215 0.01 2.38 14.13
N PRO C 216 1.28 2.02 13.84
CA PRO C 216 1.72 0.65 14.18
C PRO C 216 1.67 0.34 15.66
N GLU C 217 2.10 1.27 16.52
CA GLU C 217 2.06 1.02 17.96
C GLU C 217 0.63 0.88 18.46
N VAL C 218 -0.29 1.69 17.93
CA VAL C 218 -1.68 1.66 18.39
C VAL C 218 -2.32 0.31 18.05
N ILE C 219 -1.98 -0.25 16.89
CA ILE C 219 -2.53 -1.55 16.50
C ILE C 219 -2.05 -2.64 17.44
N ILE C 220 -0.75 -2.62 17.77
CA ILE C 220 -0.20 -3.68 18.63
C ILE C 220 -0.62 -3.47 20.07
N ALA C 221 -0.72 -2.22 20.52
CA ALA C 221 -1.19 -1.95 21.87
C ALA C 221 -2.61 -2.45 22.09
N ASN C 222 -3.50 -2.20 21.11
CA ASN C 222 -4.87 -2.67 21.24
C ASN C 222 -4.94 -4.19 21.18
N HIS C 223 -4.09 -4.81 20.35
CA HIS C 223 -4.06 -6.26 20.25
C HIS C 223 -3.60 -6.90 21.56
N SER C 224 -2.69 -6.24 22.28
CA SER C 224 -2.17 -6.78 23.54
C SER C 224 -3.10 -6.52 24.72
N GLY C 225 -4.26 -5.91 24.50
CA GLY C 225 -5.18 -5.63 25.58
C GLY C 225 -4.93 -4.34 26.33
N MET C 226 -4.24 -3.39 25.72
CA MET C 226 -3.92 -2.11 26.36
C MET C 226 -4.86 -1.02 25.86
N LYS C 227 -5.12 -0.04 26.74
CA LYS C 227 -5.81 1.16 26.34
C LYS C 227 -4.80 2.18 25.81
N VAL C 228 -5.22 2.97 24.83
CA VAL C 228 -4.33 3.87 24.11
C VAL C 228 -4.87 5.29 24.20
N ILE C 229 -3.97 6.23 24.48
CA ILE C 229 -4.27 7.65 24.39
C ILE C 229 -3.29 8.27 23.40
N GLY C 230 -3.82 8.89 22.36
CA GLY C 230 -2.97 9.55 21.37
C GLY C 230 -3.12 11.06 21.36
N VAL C 231 -2.00 11.78 21.42
CA VAL C 231 -2.01 13.24 21.38
C VAL C 231 -1.02 13.69 20.32
N SER C 232 -1.51 14.38 19.30
CA SER C 232 -0.70 14.82 18.17
C SER C 232 -0.56 16.34 18.20
N CYS C 233 0.66 16.82 17.98
CA CYS C 233 0.94 18.25 17.92
C CYS C 233 1.06 18.69 16.46
N MET C 234 0.27 19.68 16.08
CA MET C 234 0.29 20.20 14.70
C MET C 234 1.49 21.12 14.56
N THR C 235 2.61 20.54 14.12
CA THR C 235 3.85 21.30 13.98
C THR C 235 3.90 22.10 12.69
N ASN C 236 2.96 21.91 11.77
CA ASN C 236 2.96 22.61 10.50
C ASN C 236 1.60 22.42 9.84
N MET C 237 1.30 23.32 8.90
CA MET C 237 0.19 23.09 7.99
C MET C 237 0.63 22.01 7.00
N ALA C 238 -0.25 21.06 6.72
CA ALA C 238 0.07 20.00 5.76
C ALA C 238 0.45 20.61 4.42
N ALA C 239 1.21 19.86 3.65
CA ALA C 239 1.78 20.36 2.40
C ALA C 239 0.70 20.87 1.46
N GLY C 240 0.98 21.98 0.78
CA GLY C 240 0.07 22.58 -0.15
C GLY C 240 -0.90 23.58 0.45
N ILE C 241 -1.17 23.48 1.75
CA ILE C 241 -2.09 24.41 2.40
C ILE C 241 -1.54 25.82 2.34
N LEU C 242 -0.23 25.97 2.52
CA LEU C 242 0.47 27.23 2.31
C LEU C 242 1.43 27.10 1.14
N GLU C 243 2.00 28.21 0.73
CA GLU C 243 2.91 28.26 -0.42
C GLU C 243 4.37 28.28 0.01
N GLN C 244 4.72 27.37 0.91
CA GLN C 244 6.09 27.27 1.41
C GLN C 244 6.43 25.81 1.59
N PRO C 245 7.71 25.44 1.45
CA PRO C 245 8.10 24.05 1.60
C PRO C 245 8.15 23.62 3.06
N LEU C 246 8.04 22.30 3.25
CA LEU C 246 8.10 21.69 4.57
C LEU C 246 9.52 21.17 4.83
N ASN C 247 10.00 21.33 6.05
CA ASN C 247 11.28 20.77 6.42
C ASN C 247 11.30 20.44 7.91
N HIS C 248 12.28 19.63 8.30
CA HIS C 248 12.30 19.09 9.66
C HIS C 248 12.73 20.14 10.68
N GLU C 249 13.46 21.16 10.28
CA GLU C 249 13.94 22.14 11.29
C GLU C 249 12.73 22.88 11.88
N GLU C 250 11.74 23.20 11.06
CA GLU C 250 10.57 23.98 11.52
C GLU C 250 9.61 23.08 12.29
N VAL C 251 9.54 21.80 11.96
CA VAL C 251 8.70 20.89 12.77
C VAL C 251 9.26 20.89 14.20
N MET C 252 10.58 20.90 14.34
CA MET C 252 11.21 20.81 15.67
C MET C 252 11.11 22.16 16.39
N GLU C 253 11.09 23.25 15.66
CA GLU C 253 10.93 24.60 16.28
C GLU C 253 9.50 24.71 16.85
N THR C 254 8.51 24.23 16.11
CA THR C 254 7.10 24.38 16.57
C THR C 254 6.89 23.41 17.74
N SER C 255 7.52 22.25 17.70
CA SER C 255 7.41 21.30 18.83
C SER C 255 8.01 21.96 20.07
N ALA C 256 9.14 22.64 19.90
CA ALA C 256 9.82 23.29 21.05
C ALA C 256 8.99 24.45 21.61
N LYS C 257 8.25 25.17 20.77
CA LYS C 257 7.53 26.38 21.20
C LYS C 257 6.38 26.05 22.17
N VAL C 258 5.87 24.83 22.14
CA VAL C 258 4.74 24.48 23.01
C VAL C 258 5.07 23.24 23.83
N ARG C 259 6.36 23.02 24.10
CA ARG C 259 6.74 21.90 24.95
C ARG C 259 6.19 22.06 26.36
N LYS C 260 6.24 23.29 26.90
CA LYS C 260 5.70 23.52 28.23
C LYS C 260 4.22 23.15 28.30
N THR C 261 3.41 23.75 27.43
CA THR C 261 1.98 23.45 27.41
C THR C 261 1.73 21.97 27.17
N PHE C 262 2.45 21.38 26.22
CA PHE C 262 2.36 19.94 25.98
C PHE C 262 2.73 19.16 27.24
N ILE C 263 3.75 19.59 27.96
CA ILE C 263 4.21 18.83 29.11
C ILE C 263 3.27 19.00 30.30
N GLU C 264 2.63 20.17 30.46
CA GLU C 264 1.59 20.29 31.48
C GLU C 264 0.48 19.27 31.24
N LEU C 265 0.06 19.12 29.98
CA LEU C 265 -1.01 18.18 29.67
C LEU C 265 -0.59 16.74 29.98
N MET C 266 0.62 16.36 29.58
CA MET C 266 1.06 14.98 29.75
C MET C 266 1.28 14.64 31.23
N THR C 267 1.88 15.55 31.99
CA THR C 267 2.08 15.28 33.41
C THR C 267 0.76 15.14 34.15
N ASN C 268 -0.24 15.93 33.75
CA ASN C 268 -1.52 15.90 34.45
C ASN C 268 -2.31 14.64 34.14
N ILE C 269 -2.31 14.21 32.87
CA ILE C 269 -3.09 13.03 32.50
C ILE C 269 -2.50 11.77 33.13
N ILE C 270 -1.17 11.63 33.09
CA ILE C 270 -0.52 10.50 33.74
C ILE C 270 -0.87 10.47 35.22
N LYS C 271 -1.03 11.64 35.83
CA LYS C 271 -1.40 11.71 37.24
C LYS C 271 -2.83 11.23 37.46
N GLU C 272 -3.73 11.54 36.54
CA GLU C 272 -5.16 11.30 36.74
C GLU C 272 -5.68 10.05 36.03
N ILE C 273 -4.83 9.30 35.36
CA ILE C 273 -5.27 8.07 34.70
C ILE C 273 -5.73 7.05 35.73
O5' IMH D . 0.42 -0.52 -21.14
C5' IMH D . 0.95 -0.61 -19.83
C4' IMH D . 2.18 0.26 -19.68
N4' IMH D . 1.91 1.65 -20.06
C3' IMH D . 2.68 0.38 -18.24
O3' IMH D . 4.09 0.56 -18.18
C2' IMH D . 1.89 1.58 -17.69
O2' IMH D . 2.67 2.43 -16.87
C1' IMH D . 1.40 2.40 -18.91
C9 IMH D . -0.08 2.64 -19.02
C8 IMH D . -0.71 3.14 -20.12
N7 IMH D . -2.05 3.21 -19.87
C5 IMH D . -2.28 2.76 -18.59
C6 IMH D . -3.42 2.60 -17.79
O6 IMH D . -4.63 2.93 -18.24
N1 IMH D . -3.30 2.12 -16.56
C2 IMH D . -2.07 1.81 -16.13
N3 IMH D . -0.95 1.91 -16.79
C4 IMH D . -1.05 2.40 -18.04
S SO4 E . 5.50 3.79 -19.05
O1 SO4 E . 5.32 4.16 -17.64
O2 SO4 E . 4.63 2.66 -19.36
O3 SO4 E . 5.15 4.92 -19.89
O4 SO4 E . 6.89 3.43 -19.27
O5' IMH F . -14.03 -12.28 10.49
C5' IMH F . -12.74 -12.50 9.90
C4' IMH F . -12.90 -13.42 8.69
N4' IMH F . -14.10 -13.28 8.14
C3' IMH F . -11.85 -12.98 7.52
O3' IMH F . -11.66 -14.08 6.60
C2' IMH F . -12.40 -11.92 6.92
O2' IMH F . -12.02 -11.86 5.48
C1' IMH F . -13.93 -12.13 7.06
C9 IMH F . -14.61 -10.95 7.48
C8 IMH F . -15.92 -10.90 7.97
N7 IMH F . -16.23 -9.63 8.27
C5 IMH F . -15.18 -8.83 7.99
C6 IMH F . -14.97 -7.45 8.12
O6 IMH F . -16.00 -6.62 8.62
N1 IMH F . -13.80 -6.91 7.76
C2 IMH F . -12.82 -7.70 7.28
N3 IMH F . -12.97 -9.00 7.15
C4 IMH F . -14.13 -9.61 7.49
S SO4 G . -13.17 -15.63 4.37
O1 SO4 G . -13.46 -15.16 5.73
O2 SO4 G . -14.43 -16.02 3.74
O3 SO4 G . -12.54 -14.57 3.60
O4 SO4 G . -12.28 -16.79 4.43
O5' IMH H . 9.27 15.98 9.98
C5' IMH H . 9.16 14.56 9.86
C4' IMH H . 8.94 14.00 11.27
N4' IMH H . 8.10 14.77 11.94
C3' IMH H . 8.23 12.54 11.19
O3' IMH H . 8.40 11.84 12.45
C2' IMH H . 6.93 12.80 10.97
O2' IMH H . 6.08 11.74 11.58
C1' IMH H . 6.67 14.17 11.67
C9 IMH H . 5.92 15.07 10.84
C8 IMH H . 5.71 16.43 11.09
N7 IMH H . 4.97 16.95 10.11
C5 IMH H . 4.67 16.00 9.20
C6 IMH H . 3.93 16.01 8.00
O6 IMH H . 3.34 17.20 7.54
N1 IMH H . 3.80 14.89 7.30
C2 IMH H . 4.37 13.74 7.72
N3 IMH H . 5.07 13.69 8.84
C4 IMH H . 5.24 14.79 9.60
S SO4 I . 7.20 11.51 15.63
O1 SO4 I . 6.44 12.69 16.01
O2 SO4 I . 7.31 10.61 16.79
O3 SO4 I . 8.53 11.90 15.21
O4 SO4 I . 6.52 10.81 14.54
#